data_4RPN
#
_entry.id   4RPN
#
_cell.length_a   169.048
_cell.length_b   169.048
_cell.length_c   110.264
_cell.angle_alpha   90.00
_cell.angle_beta   90.00
_cell.angle_gamma   120.00
#
_symmetry.space_group_name_H-M   'H 3'
#
loop_
_entity.id
_entity.type
_entity.pdbx_description
1 polymer 'PCP degradation transcriptional activation protein'
2 non-polymer PENTACHLOROPHENOL
3 water water
#
_entity_poly.entity_id   1
_entity_poly.type   'polypeptide(L)'
_entity_poly.pdbx_seq_one_letter_code
;RSELRFDPGTSNRNFRIAASDFGQALMLPRLYATLEETAPQVRVTGVNLRHGPLVEELESGSIDIAFGGFPTLSAGIKTQ
TLFREEYVCVMRQSHPALTHGLDLEAFRQCRHIIVTAHEFNHVHEQVEARLLELLPPESIRFTTENFLVSAVIAEETDVI
LTIPSRLARWFANRGGLTIFPVPIELPSIEVKQYWHERYDKDPGNIWLRRVIAKIGFQNPPAE
;
_entity_poly.pdbx_strand_id   D,C,A,B
#
# COMPACT_ATOMS: atom_id res chain seq x y z
N ARG A 5 45.39 -9.52 -19.45
CA ARG A 5 45.01 -9.90 -20.80
C ARG A 5 43.94 -10.99 -20.81
N PHE A 6 43.03 -10.94 -21.78
CA PHE A 6 41.92 -11.87 -21.81
C PHE A 6 41.51 -12.25 -23.23
N ASP A 7 41.54 -13.54 -23.53
CA ASP A 7 41.10 -14.01 -24.82
C ASP A 7 39.95 -14.99 -24.57
N PRO A 8 38.73 -14.58 -24.95
CA PRO A 8 37.51 -15.37 -24.72
C PRO A 8 37.62 -16.76 -25.32
N GLY A 9 38.33 -16.86 -26.44
CA GLY A 9 38.52 -18.13 -27.10
C GLY A 9 39.29 -19.15 -26.28
N THR A 10 40.14 -18.71 -25.37
CA THR A 10 40.92 -19.66 -24.60
C THR A 10 40.73 -19.55 -23.10
N SER A 11 40.19 -18.43 -22.64
CA SER A 11 40.03 -18.17 -21.21
C SER A 11 39.20 -19.22 -20.48
N ASN A 12 39.57 -19.49 -19.23
CA ASN A 12 38.78 -20.35 -18.36
C ASN A 12 38.33 -19.55 -17.14
N ARG A 13 38.30 -18.24 -17.29
CA ARG A 13 37.81 -17.34 -16.26
C ARG A 13 36.34 -17.63 -15.87
N ASN A 14 36.09 -17.64 -14.58
CA ASN A 14 34.74 -17.75 -14.03
C ASN A 14 34.26 -16.35 -13.67
N PHE A 15 33.28 -15.84 -14.40
CA PHE A 15 32.74 -14.53 -14.08
C PHE A 15 31.59 -14.64 -13.06
N ARG A 16 31.57 -13.73 -12.09
CA ARG A 16 30.49 -13.72 -11.11
C ARG A 16 29.58 -12.53 -11.32
N ILE A 17 28.32 -12.83 -11.58
CA ILE A 17 27.30 -11.81 -11.76
C ILE A 17 26.31 -11.82 -10.56
N ALA A 18 26.25 -10.69 -9.87
CA ALA A 18 25.28 -10.48 -8.81
C ALA A 18 23.97 -10.06 -9.45
N ALA A 19 22.90 -10.76 -9.08
CA ALA A 19 21.54 -10.49 -9.62
C ALA A 19 20.51 -11.24 -8.80
N SER A 20 19.26 -10.74 -8.81
CA SER A 20 18.15 -11.44 -8.18
C SER A 20 18.02 -12.83 -8.84
N ASP A 21 17.27 -13.71 -8.21
CA ASP A 21 17.05 -15.00 -8.84
C ASP A 21 16.40 -14.81 -10.22
N PHE A 22 15.62 -13.74 -10.39
CA PHE A 22 15.02 -13.42 -11.69
C PHE A 22 16.02 -12.86 -12.75
N GLY A 23 16.83 -11.90 -12.38
CA GLY A 23 17.90 -11.44 -13.26
C GLY A 23 18.83 -12.57 -13.74
N GLN A 24 19.14 -13.50 -12.85
CA GLN A 24 19.97 -14.66 -13.20
C GLN A 24 19.31 -15.49 -14.29
N ALA A 25 18.01 -15.72 -14.11
CA ALA A 25 17.23 -16.50 -15.06
C ALA A 25 17.09 -15.76 -16.40
N LEU A 26 16.97 -14.44 -16.36
CA LEU A 26 16.99 -13.64 -17.58
C LEU A 26 18.35 -13.65 -18.31
N MET A 27 19.42 -13.50 -17.53
CA MET A 27 20.75 -13.23 -18.06
C MET A 27 21.45 -14.47 -18.63
N LEU A 28 21.67 -15.47 -17.78
CA LEU A 28 22.49 -16.62 -18.15
C LEU A 28 22.07 -17.35 -19.43
N PRO A 29 20.76 -17.65 -19.61
CA PRO A 29 20.32 -18.22 -20.91
C PRO A 29 20.72 -17.35 -22.10
N ARG A 30 20.77 -16.04 -21.92
CA ARG A 30 21.10 -15.16 -23.03
C ARG A 30 22.62 -15.02 -23.25
N LEU A 31 23.42 -15.60 -22.36
CA LEU A 31 24.86 -15.62 -22.54
C LEU A 31 25.30 -16.93 -23.15
N TYR A 32 24.43 -17.92 -23.09
CA TYR A 32 24.79 -19.28 -23.44
C TYR A 32 25.39 -19.40 -24.84
N ALA A 33 24.73 -18.82 -25.84
CA ALA A 33 25.18 -18.93 -27.21
C ALA A 33 26.56 -18.29 -27.39
N THR A 34 26.76 -17.11 -26.80
CA THR A 34 28.03 -16.42 -26.90
C THR A 34 29.18 -17.26 -26.32
N LEU A 35 28.97 -17.88 -25.17
CA LEU A 35 29.94 -18.77 -24.56
C LEU A 35 30.24 -19.97 -25.44
N GLU A 36 29.19 -20.64 -25.93
CA GLU A 36 29.39 -21.82 -26.72
C GLU A 36 30.18 -21.50 -27.98
N GLU A 37 29.91 -20.35 -28.57
CA GLU A 37 30.44 -20.05 -29.88
C GLU A 37 31.76 -19.30 -29.84
N THR A 38 32.02 -18.56 -28.77
CA THR A 38 33.19 -17.69 -28.73
C THR A 38 34.04 -17.75 -27.47
N ALA A 39 33.61 -18.55 -26.48
CA ALA A 39 34.31 -18.62 -25.21
C ALA A 39 33.95 -19.91 -24.47
N PRO A 40 34.26 -21.05 -25.07
CA PRO A 40 33.75 -22.38 -24.71
C PRO A 40 34.08 -22.81 -23.28
N GLN A 41 35.12 -22.26 -22.67
CA GLN A 41 35.50 -22.62 -21.31
C GLN A 41 35.33 -21.47 -20.31
N VAL A 42 34.66 -20.40 -20.71
CA VAL A 42 34.36 -19.32 -19.78
C VAL A 42 33.14 -19.75 -18.94
N ARG A 43 33.22 -19.55 -17.65
CA ARG A 43 32.17 -19.99 -16.77
C ARG A 43 31.44 -18.76 -16.25
N VAL A 44 30.12 -18.84 -16.15
CA VAL A 44 29.36 -17.75 -15.51
C VAL A 44 28.61 -18.24 -14.27
N THR A 45 28.79 -17.50 -13.19
CA THR A 45 28.18 -17.81 -11.90
C THR A 45 27.15 -16.75 -11.51
N GLY A 46 25.90 -17.17 -11.31
CA GLY A 46 24.86 -16.30 -10.79
C GLY A 46 24.99 -16.24 -9.28
N VAL A 47 25.10 -15.04 -8.72
CA VAL A 47 25.28 -14.89 -7.29
C VAL A 47 24.11 -14.11 -6.67
N ASN A 48 23.50 -14.67 -5.63
CA ASN A 48 22.38 -14.00 -4.96
C ASN A 48 22.73 -12.69 -4.29
N LEU A 49 21.79 -11.76 -4.29
CA LEU A 49 21.98 -10.48 -3.60
C LEU A 49 22.09 -10.70 -2.10
N ARG A 50 22.72 -9.74 -1.42
CA ARG A 50 22.94 -9.85 0.02
C ARG A 50 22.62 -8.53 0.71
N HIS A 51 22.55 -8.56 2.04
CA HIS A 51 22.31 -7.35 2.83
C HIS A 51 23.44 -6.36 2.68
N GLY A 52 24.67 -6.87 2.70
CA GLY A 52 25.86 -6.02 2.69
C GLY A 52 25.92 -5.05 1.54
N PRO A 53 26.81 -4.06 1.64
CA PRO A 53 26.99 -3.07 0.57
C PRO A 53 27.54 -3.72 -0.68
N LEU A 54 26.68 -3.84 -1.69
CA LEU A 54 27.03 -4.48 -2.94
C LEU A 54 28.28 -3.85 -3.53
N VAL A 55 28.44 -2.54 -3.31
CA VAL A 55 29.55 -1.79 -3.88
C VAL A 55 30.90 -2.31 -3.41
N GLU A 56 30.95 -2.90 -2.22
CA GLU A 56 32.19 -3.45 -1.70
C GLU A 56 32.51 -4.75 -2.42
N GLU A 57 31.47 -5.50 -2.75
CA GLU A 57 31.63 -6.73 -3.52
C GLU A 57 32.20 -6.41 -4.89
N LEU A 58 31.71 -5.34 -5.49
CA LEU A 58 32.21 -4.93 -6.79
C LEU A 58 33.64 -4.43 -6.68
N GLU A 59 33.93 -3.72 -5.58
CA GLU A 59 35.24 -3.10 -5.35
C GLU A 59 36.35 -4.13 -5.18
N SER A 60 36.10 -5.14 -4.36
CA SER A 60 37.13 -6.12 -4.06
C SER A 60 37.30 -7.15 -5.17
N GLY A 61 36.42 -7.10 -6.17
CA GLY A 61 36.48 -8.04 -7.27
C GLY A 61 35.81 -9.38 -7.03
N SER A 62 35.21 -9.56 -5.87
CA SER A 62 34.48 -10.80 -5.59
C SER A 62 33.23 -10.88 -6.48
N ILE A 63 32.78 -9.73 -6.95
CA ILE A 63 31.74 -9.67 -7.98
C ILE A 63 32.26 -8.90 -9.18
N ASP A 64 32.04 -9.44 -10.38
CA ASP A 64 32.45 -8.74 -11.59
C ASP A 64 31.42 -7.73 -12.05
N ILE A 65 30.17 -8.14 -12.12
CA ILE A 65 29.11 -7.26 -12.59
C ILE A 65 27.81 -7.48 -11.80
N ALA A 66 27.14 -6.38 -11.48
CA ALA A 66 25.82 -6.47 -10.90
C ALA A 66 24.81 -6.14 -11.98
N PHE A 67 23.81 -7.00 -12.08
CA PHE A 67 22.74 -6.84 -13.05
C PHE A 67 21.42 -6.63 -12.32
N GLY A 68 20.72 -5.57 -12.67
CA GLY A 68 19.41 -5.28 -12.10
C GLY A 68 19.15 -3.81 -11.88
N GLY A 69 18.39 -3.50 -10.84
CA GLY A 69 18.20 -2.13 -10.41
C GLY A 69 18.76 -1.97 -9.02
N PHE A 70 19.84 -1.19 -8.89
CA PHE A 70 20.38 -0.91 -7.57
C PHE A 70 20.57 0.57 -7.40
N PRO A 71 19.54 1.25 -6.87
CA PRO A 71 19.54 2.70 -6.70
C PRO A 71 20.65 3.20 -5.78
N THR A 72 21.09 2.38 -4.83
CA THR A 72 22.14 2.76 -3.90
C THR A 72 23.54 2.78 -4.54
N LEU A 73 23.69 2.10 -5.67
CA LEU A 73 24.98 2.00 -6.34
C LEU A 73 25.26 3.28 -7.11
N SER A 74 26.28 4.01 -6.69
CA SER A 74 26.53 5.33 -7.25
C SER A 74 28.01 5.68 -7.25
N ALA A 75 28.58 5.91 -6.07
CA ALA A 75 29.96 6.35 -5.96
C ALA A 75 30.95 5.25 -6.33
N GLY A 76 31.90 5.59 -7.19
CA GLY A 76 32.94 4.66 -7.58
C GLY A 76 32.41 3.55 -8.46
N ILE A 77 31.17 3.70 -8.89
CA ILE A 77 30.51 2.69 -9.70
C ILE A 77 30.21 3.27 -11.06
N LYS A 78 30.36 2.45 -12.08
CA LYS A 78 29.90 2.83 -13.40
C LYS A 78 28.66 1.99 -13.75
N THR A 79 27.81 2.54 -14.60
CA THR A 79 26.59 1.85 -14.97
C THR A 79 26.33 2.01 -16.44
N GLN A 80 25.59 1.06 -16.99
CA GLN A 80 25.03 1.19 -18.33
C GLN A 80 23.60 0.69 -18.30
N THR A 81 22.67 1.48 -18.80
CA THR A 81 21.26 1.11 -18.79
C THR A 81 20.98 0.15 -19.93
N LEU A 82 20.25 -0.91 -19.65
CA LEU A 82 20.06 -1.94 -20.66
C LEU A 82 18.62 -1.98 -21.19
N PHE A 83 17.65 -1.76 -20.30
CA PHE A 83 16.25 -1.72 -20.71
C PHE A 83 15.34 -1.23 -19.59
N ARG A 84 14.07 -0.98 -19.94
CA ARG A 84 13.08 -0.56 -18.96
C ARG A 84 12.05 -1.67 -18.79
N GLU A 85 11.55 -1.82 -17.57
CA GLU A 85 10.54 -2.81 -17.29
C GLU A 85 9.29 -2.15 -16.67
N GLU A 86 8.17 -2.85 -16.71
CA GLU A 86 6.93 -2.38 -16.10
C GLU A 86 6.29 -3.52 -15.37
N TYR A 87 5.53 -3.23 -14.32
CA TYR A 87 4.89 -4.26 -13.54
C TYR A 87 3.48 -4.61 -14.01
N VAL A 88 3.09 -5.85 -13.74
CA VAL A 88 1.77 -6.38 -13.96
C VAL A 88 1.44 -7.27 -12.77
N CYS A 89 0.21 -7.77 -12.72
CA CYS A 89 -0.20 -8.75 -11.73
C CYS A 89 -0.51 -10.08 -12.40
N VAL A 90 -0.36 -11.15 -11.63
CA VAL A 90 -0.72 -12.48 -12.09
C VAL A 90 -1.46 -13.25 -11.00
N MET A 91 -2.31 -14.18 -11.43
CA MET A 91 -2.98 -15.12 -10.53
C MET A 91 -3.30 -16.35 -11.38
N ARG A 92 -3.31 -17.55 -10.78
CA ARG A 92 -3.57 -18.75 -11.59
C ARG A 92 -4.99 -18.78 -12.16
N GLN A 93 -5.16 -19.52 -13.27
CA GLN A 93 -6.42 -19.50 -14.01
C GLN A 93 -7.54 -20.18 -13.24
N SER A 94 -7.17 -21.08 -12.33
CA SER A 94 -8.16 -21.70 -11.47
C SER A 94 -8.46 -20.83 -10.25
N HIS A 95 -8.12 -19.56 -10.32
CA HIS A 95 -8.40 -18.63 -9.22
C HIS A 95 -9.77 -18.02 -9.44
N PRO A 96 -10.61 -18.07 -8.40
CA PRO A 96 -12.02 -17.66 -8.44
C PRO A 96 -12.22 -16.21 -8.89
N ALA A 97 -11.30 -15.34 -8.47
CA ALA A 97 -11.39 -13.92 -8.81
C ALA A 97 -11.13 -13.68 -10.30
N LEU A 98 -10.86 -14.76 -11.04
CA LEU A 98 -10.59 -14.66 -12.46
C LEU A 98 -11.87 -14.69 -13.28
N THR A 99 -12.89 -13.99 -12.79
CA THR A 99 -14.16 -13.84 -13.51
C THR A 99 -14.65 -12.40 -13.45
N HIS A 100 -14.81 -11.91 -12.22
CA HIS A 100 -15.28 -10.55 -11.97
C HIS A 100 -14.20 -9.52 -12.26
N GLY A 101 -14.55 -8.25 -12.15
CA GLY A 101 -13.61 -7.18 -12.43
C GLY A 101 -12.66 -6.95 -11.28
N LEU A 102 -11.36 -6.93 -11.57
CA LEU A 102 -10.38 -6.70 -10.53
C LEU A 102 -9.84 -5.27 -10.50
N ASP A 103 -10.63 -4.37 -9.94
CA ASP A 103 -10.19 -3.02 -9.65
C ASP A 103 -9.44 -3.00 -8.32
N LEU A 104 -9.30 -1.80 -7.75
CA LEU A 104 -8.48 -1.61 -6.58
C LEU A 104 -9.00 -2.39 -5.38
N GLU A 105 -10.27 -2.16 -5.03
CA GLU A 105 -10.84 -2.75 -3.83
C GLU A 105 -10.87 -4.27 -3.85
N ALA A 106 -11.03 -4.85 -5.04
CA ALA A 106 -11.03 -6.30 -5.18
C ALA A 106 -9.60 -6.82 -5.09
N PHE A 107 -8.66 -6.04 -5.60
CA PHE A 107 -7.25 -6.30 -5.43
C PHE A 107 -6.96 -6.34 -3.93
N ARG A 108 -7.39 -5.33 -3.17
CA ARG A 108 -7.01 -5.23 -1.76
C ARG A 108 -7.60 -6.36 -0.91
N GLN A 109 -8.65 -7.00 -1.42
CA GLN A 109 -9.35 -7.99 -0.62
C GLN A 109 -8.90 -9.41 -0.97
N CYS A 110 -8.27 -9.57 -2.12
CA CYS A 110 -7.57 -10.82 -2.45
C CYS A 110 -6.43 -11.15 -1.48
N ARG A 111 -5.94 -12.38 -1.57
CA ARG A 111 -4.74 -12.84 -0.85
C ARG A 111 -3.48 -12.63 -1.69
N HIS A 112 -2.41 -12.19 -1.07
CA HIS A 112 -1.21 -11.84 -1.82
C HIS A 112 0.05 -12.60 -1.39
N ILE A 113 0.94 -12.80 -2.35
CA ILE A 113 2.32 -13.18 -2.08
C ILE A 113 3.20 -12.01 -2.53
N ILE A 114 4.05 -11.60 -1.61
CA ILE A 114 4.91 -10.45 -1.80
C ILE A 114 6.38 -10.89 -1.95
N VAL A 115 7.07 -10.32 -2.92
CA VAL A 115 8.50 -10.49 -2.98
C VAL A 115 9.13 -9.33 -2.23
N THR A 116 9.86 -9.66 -1.18
CA THR A 116 10.48 -8.68 -0.33
C THR A 116 11.86 -8.35 -0.87
N ALA A 117 12.23 -7.08 -0.84
CA ALA A 117 13.45 -6.64 -1.49
C ALA A 117 14.24 -5.58 -0.70
N HIS A 118 13.62 -4.97 0.30
CA HIS A 118 14.24 -3.83 0.96
C HIS A 118 15.53 -4.23 1.66
N GLU A 119 15.55 -5.43 2.21
CA GLU A 119 16.72 -5.97 2.89
C GLU A 119 17.90 -6.12 1.93
N PHE A 120 17.60 -6.32 0.64
CA PHE A 120 18.61 -6.53 -0.37
C PHE A 120 18.88 -5.29 -1.19
N ASN A 121 18.14 -4.22 -0.91
CA ASN A 121 18.37 -2.93 -1.56
C ASN A 121 18.24 -2.89 -3.10
N HIS A 122 17.42 -3.75 -3.70
CA HIS A 122 17.19 -3.56 -5.12
C HIS A 122 15.88 -2.86 -5.45
N VAL A 123 15.72 -2.51 -6.71
CA VAL A 123 14.70 -1.55 -7.10
C VAL A 123 13.27 -2.07 -6.90
N HIS A 124 13.11 -3.38 -6.75
CA HIS A 124 11.81 -3.93 -6.43
C HIS A 124 11.28 -3.40 -5.11
N GLU A 125 12.16 -2.86 -4.28
CA GLU A 125 11.76 -2.35 -2.98
C GLU A 125 10.70 -1.23 -3.11
N GLN A 126 10.72 -0.51 -4.22
CA GLN A 126 9.80 0.58 -4.49
C GLN A 126 8.38 0.05 -4.63
N VAL A 127 8.23 -1.08 -5.33
CA VAL A 127 6.94 -1.71 -5.49
C VAL A 127 6.50 -2.36 -4.19
N GLU A 128 7.43 -3.05 -3.54
CA GLU A 128 7.14 -3.64 -2.24
C GLU A 128 6.58 -2.60 -1.26
N ALA A 129 7.18 -1.43 -1.23
CA ALA A 129 6.73 -0.39 -0.33
C ALA A 129 5.29 0.06 -0.68
N ARG A 130 5.00 0.25 -1.96
CA ARG A 130 3.64 0.60 -2.41
C ARG A 130 2.61 -0.46 -2.04
N LEU A 131 3.02 -1.73 -2.10
CA LEU A 131 2.11 -2.83 -1.76
C LEU A 131 1.83 -2.90 -0.26
N LEU A 132 2.86 -2.71 0.55
CA LEU A 132 2.70 -2.77 1.99
C LEU A 132 1.82 -1.62 2.49
N GLU A 133 1.89 -0.50 1.79
CA GLU A 133 1.13 0.68 2.11
C GLU A 133 -0.35 0.52 1.71
N LEU A 134 -0.57 -0.03 0.52
CA LEU A 134 -1.86 -0.25 -0.08
C LEU A 134 -2.69 -1.32 0.61
N LEU A 135 -2.05 -2.46 0.89
CA LEU A 135 -2.79 -3.65 1.27
C LEU A 135 -3.06 -3.78 2.76
N PRO A 136 -4.29 -4.23 3.09
CA PRO A 136 -4.59 -4.72 4.43
C PRO A 136 -3.57 -5.77 4.83
N PRO A 137 -2.94 -5.63 6.01
CA PRO A 137 -1.95 -6.63 6.46
C PRO A 137 -2.47 -8.05 6.35
N GLU A 138 -3.76 -8.27 6.62
CA GLU A 138 -4.32 -9.61 6.62
C GLU A 138 -4.47 -10.17 5.22
N SER A 139 -4.39 -9.33 4.19
CA SER A 139 -4.40 -9.79 2.82
C SER A 139 -3.05 -10.40 2.36
N ILE A 140 -2.00 -10.22 3.15
CA ILE A 140 -0.70 -10.76 2.79
C ILE A 140 -0.46 -12.08 3.51
N ARG A 141 -0.46 -13.15 2.72
CA ARG A 141 -0.33 -14.52 3.20
C ARG A 141 1.11 -15.05 3.15
N PHE A 142 1.81 -14.77 2.06
CA PHE A 142 3.15 -15.31 1.81
C PHE A 142 4.15 -14.22 1.50
N THR A 143 5.34 -14.35 2.06
CA THR A 143 6.46 -13.50 1.69
C THR A 143 7.66 -14.36 1.30
N THR A 144 8.44 -13.89 0.32
CA THR A 144 9.68 -14.54 -0.09
C THR A 144 10.61 -13.50 -0.70
N GLU A 145 11.91 -13.82 -0.78
CA GLU A 145 12.81 -12.91 -1.50
C GLU A 145 13.14 -13.38 -2.91
N ASN A 146 12.63 -14.53 -3.31
CA ASN A 146 12.84 -15.06 -4.65
C ASN A 146 11.65 -14.92 -5.59
N PHE A 147 11.90 -14.30 -6.72
CA PHE A 147 10.89 -14.10 -7.73
C PHE A 147 10.36 -15.41 -8.27
N LEU A 148 11.24 -16.37 -8.51
CA LEU A 148 10.77 -17.63 -9.06
C LEU A 148 9.96 -18.43 -8.03
N VAL A 149 10.37 -18.38 -6.76
CA VAL A 149 9.63 -19.01 -5.70
C VAL A 149 8.19 -18.45 -5.67
N SER A 150 8.06 -17.13 -5.75
CA SER A 150 6.74 -16.52 -5.67
C SER A 150 5.93 -16.89 -6.92
N ALA A 151 6.56 -17.01 -8.07
CA ALA A 151 5.81 -17.35 -9.27
C ALA A 151 5.26 -18.79 -9.19
N VAL A 152 6.03 -19.75 -8.69
CA VAL A 152 5.52 -21.12 -8.66
C VAL A 152 4.50 -21.33 -7.54
N ILE A 153 4.63 -20.57 -6.46
CA ILE A 153 3.66 -20.62 -5.39
C ILE A 153 2.30 -20.11 -5.90
N ALA A 154 2.34 -19.05 -6.70
CA ALA A 154 1.15 -18.45 -7.31
C ALA A 154 0.49 -19.38 -8.32
N GLU A 155 1.29 -20.26 -8.94
CA GLU A 155 0.73 -21.26 -9.85
C GLU A 155 -0.06 -22.34 -9.10
N GLU A 156 0.33 -22.58 -7.86
CA GLU A 156 -0.19 -23.68 -7.05
C GLU A 156 -1.22 -23.27 -5.99
N THR A 157 -1.47 -21.96 -5.85
CA THR A 157 -2.35 -21.45 -4.80
C THR A 157 -3.08 -20.19 -5.27
N ASP A 158 -4.11 -19.78 -4.56
CA ASP A 158 -4.88 -18.61 -4.96
C ASP A 158 -4.34 -17.29 -4.39
N VAL A 159 -3.09 -16.96 -4.69
CA VAL A 159 -2.55 -15.68 -4.26
C VAL A 159 -2.25 -14.80 -5.47
N ILE A 160 -2.34 -13.50 -5.25
CA ILE A 160 -1.98 -12.53 -6.27
C ILE A 160 -0.50 -12.11 -6.13
N LEU A 161 0.16 -11.98 -7.27
CA LEU A 161 1.60 -11.72 -7.32
C LEU A 161 1.81 -10.53 -8.22
N THR A 162 2.48 -9.53 -7.70
CA THR A 162 2.78 -8.34 -8.49
C THR A 162 4.29 -8.36 -8.83
N ILE A 163 4.62 -8.34 -10.14
CA ILE A 163 5.94 -8.65 -10.68
C ILE A 163 6.23 -7.99 -12.03
N PRO A 164 7.53 -7.88 -12.39
CA PRO A 164 7.97 -7.46 -13.74
C PRO A 164 7.25 -8.25 -14.83
N SER A 165 6.93 -7.58 -15.91
CA SER A 165 6.13 -8.21 -16.97
C SER A 165 6.89 -9.32 -17.70
N ARG A 166 8.20 -9.17 -17.83
CA ARG A 166 9.02 -10.21 -18.48
C ARG A 166 8.85 -11.54 -17.76
N LEU A 167 8.92 -11.50 -16.44
CA LEU A 167 8.76 -12.69 -15.63
C LEU A 167 7.32 -13.25 -15.71
N ALA A 168 6.35 -12.36 -15.74
CA ALA A 168 4.94 -12.77 -15.87
C ALA A 168 4.69 -13.48 -17.21
N ARG A 169 5.21 -12.91 -18.28
CA ARG A 169 5.10 -13.48 -19.60
C ARG A 169 5.72 -14.88 -19.66
N TRP A 170 6.94 -15.04 -19.14
CA TRP A 170 7.61 -16.33 -19.20
C TRP A 170 6.76 -17.39 -18.51
N PHE A 171 6.24 -17.08 -17.33
CA PHE A 171 5.38 -18.05 -16.67
C PHE A 171 4.00 -18.23 -17.34
N ALA A 172 3.43 -17.15 -17.85
CA ALA A 172 2.10 -17.21 -18.48
C ALA A 172 2.11 -18.18 -19.65
N ASN A 173 3.21 -18.22 -20.37
CA ASN A 173 3.38 -19.16 -21.45
C ASN A 173 3.15 -20.62 -21.06
N ARG A 174 3.15 -20.88 -19.75
CA ARG A 174 2.88 -22.23 -19.27
C ARG A 174 1.38 -22.48 -19.03
N GLY A 175 0.59 -21.43 -19.03
CA GLY A 175 -0.85 -21.60 -19.01
C GLY A 175 -1.51 -21.56 -17.65
N GLY A 176 -0.71 -21.59 -16.59
CA GLY A 176 -1.25 -21.56 -15.24
C GLY A 176 -1.63 -20.15 -14.82
N LEU A 177 -0.66 -19.25 -14.90
CA LEU A 177 -0.87 -17.87 -14.50
C LEU A 177 -1.51 -17.04 -15.59
N THR A 178 -2.46 -16.19 -15.21
CA THR A 178 -2.98 -15.20 -16.12
C THR A 178 -2.50 -13.82 -15.73
N ILE A 179 -2.30 -12.98 -16.73
CA ILE A 179 -1.83 -11.63 -16.52
C ILE A 179 -3.00 -10.64 -16.53
N PHE A 180 -2.95 -9.64 -15.66
CA PHE A 180 -3.82 -8.49 -15.78
C PHE A 180 -3.10 -7.26 -15.24
N PRO A 181 -3.56 -6.07 -15.63
CA PRO A 181 -2.79 -4.90 -15.19
C PRO A 181 -2.90 -4.71 -13.70
N VAL A 182 -1.89 -4.11 -13.10
CA VAL A 182 -1.95 -3.72 -11.71
C VAL A 182 -2.88 -2.51 -11.64
N PRO A 183 -3.87 -2.53 -10.75
CA PRO A 183 -4.87 -1.46 -10.65
C PRO A 183 -4.39 -0.22 -9.90
N ILE A 184 -3.09 0.00 -9.86
CA ILE A 184 -2.51 1.24 -9.37
C ILE A 184 -1.39 1.60 -10.33
N GLU A 185 -0.83 2.80 -10.19
CA GLU A 185 0.23 3.22 -11.07
C GLU A 185 1.60 3.06 -10.39
N LEU A 186 2.40 2.13 -10.89
CA LEU A 186 3.70 1.81 -10.32
C LEU A 186 4.85 2.44 -11.10
N PRO A 187 5.97 2.70 -10.44
CA PRO A 187 7.11 3.27 -11.18
C PRO A 187 7.59 2.37 -12.32
N SER A 188 8.02 2.99 -13.41
CA SER A 188 8.73 2.30 -14.47
C SER A 188 10.14 1.99 -13.98
N ILE A 189 10.65 0.82 -14.35
CA ILE A 189 11.96 0.37 -13.88
C ILE A 189 13.06 0.44 -14.95
N GLU A 190 14.18 1.02 -14.58
CA GLU A 190 15.36 0.98 -15.43
C GLU A 190 16.31 -0.13 -14.98
N VAL A 191 16.50 -1.11 -15.83
CA VAL A 191 17.40 -2.23 -15.52
C VAL A 191 18.78 -1.98 -16.14
N LYS A 192 19.83 -2.14 -15.33
CA LYS A 192 21.19 -1.78 -15.74
C LYS A 192 22.24 -2.85 -15.42
N GLN A 193 23.44 -2.66 -15.95
CA GLN A 193 24.61 -3.39 -15.46
C GLN A 193 25.56 -2.42 -14.76
N TYR A 194 26.11 -2.88 -13.65
CA TYR A 194 27.03 -2.08 -12.88
C TYR A 194 28.40 -2.75 -12.82
N TRP A 195 29.46 -1.94 -12.81
CA TRP A 195 30.80 -2.43 -12.56
C TRP A 195 31.62 -1.38 -11.82
N HIS A 196 32.66 -1.81 -11.11
CA HIS A 196 33.43 -0.85 -10.36
C HIS A 196 34.49 -0.19 -11.25
N GLU A 197 34.77 1.07 -10.94
CA GLU A 197 35.80 1.85 -11.63
C GLU A 197 37.11 1.09 -11.70
N ARG A 198 37.43 0.39 -10.63
CA ARG A 198 38.70 -0.30 -10.54
C ARG A 198 38.89 -1.29 -11.69
N TYR A 199 37.80 -1.86 -12.19
CA TYR A 199 37.86 -2.88 -13.23
C TYR A 199 37.36 -2.37 -14.57
N ASP A 200 37.22 -1.05 -14.67
CA ASP A 200 36.73 -0.43 -15.90
C ASP A 200 37.61 -0.77 -17.10
N LYS A 201 38.92 -0.93 -16.86
CA LYS A 201 39.87 -1.22 -17.95
C LYS A 201 40.31 -2.67 -18.00
N ASP A 202 39.75 -3.49 -17.13
CA ASP A 202 40.04 -4.92 -17.12
C ASP A 202 39.40 -5.59 -18.32
N PRO A 203 40.22 -6.18 -19.22
CA PRO A 203 39.74 -6.72 -20.51
C PRO A 203 38.69 -7.83 -20.40
N GLY A 204 38.76 -8.66 -19.38
CA GLY A 204 37.72 -9.66 -19.15
C GLY A 204 36.41 -8.97 -18.78
N ASN A 205 36.47 -8.03 -17.84
CA ASN A 205 35.30 -7.26 -17.46
C ASN A 205 34.71 -6.54 -18.66
N ILE A 206 35.56 -5.81 -19.37
CA ILE A 206 35.17 -5.09 -20.58
C ILE A 206 34.42 -6.01 -21.54
N TRP A 207 34.94 -7.22 -21.70
CA TRP A 207 34.35 -8.18 -22.63
C TRP A 207 32.94 -8.61 -22.19
N LEU A 208 32.76 -8.91 -20.92
CA LEU A 208 31.47 -9.33 -20.43
C LEU A 208 30.45 -8.19 -20.62
N ARG A 209 30.83 -6.97 -20.23
CA ARG A 209 29.97 -5.79 -20.36
C ARG A 209 29.49 -5.64 -21.79
N ARG A 210 30.44 -5.75 -22.73
CA ARG A 210 30.12 -5.58 -24.14
C ARG A 210 29.19 -6.66 -24.61
N VAL A 211 29.44 -7.89 -24.18
CA VAL A 211 28.54 -8.98 -24.49
C VAL A 211 27.10 -8.72 -23.96
N ILE A 212 27.01 -8.27 -22.71
CA ILE A 212 25.73 -8.04 -22.07
C ILE A 212 24.99 -6.91 -22.79
N ALA A 213 25.73 -5.85 -23.12
CA ALA A 213 25.18 -4.71 -23.84
C ALA A 213 24.67 -5.08 -25.23
N LYS A 214 25.15 -6.16 -25.82
CA LYS A 214 24.67 -6.58 -27.12
C LYS A 214 23.43 -7.47 -27.04
N ILE A 215 23.11 -7.93 -25.84
CA ILE A 215 22.04 -8.87 -25.68
C ILE A 215 20.71 -8.26 -26.11
N GLY A 216 19.89 -9.06 -26.77
CA GLY A 216 18.53 -8.67 -27.13
C GLY A 216 17.57 -9.13 -26.03
N PHE A 217 17.23 -8.23 -25.12
CA PHE A 217 16.43 -8.59 -23.95
C PHE A 217 14.92 -8.60 -24.21
N GLN A 218 14.51 -8.18 -25.40
CA GLN A 218 13.10 -8.29 -25.80
C GLN A 218 12.87 -9.62 -26.52
N ASN A 219 13.95 -10.22 -27.00
CA ASN A 219 13.88 -11.51 -27.68
C ASN A 219 14.30 -12.66 -26.76
N PRO A 220 13.99 -13.90 -27.16
CA PRO A 220 14.39 -15.08 -26.39
C PRO A 220 15.87 -15.39 -26.60
N PRO A 221 16.44 -16.28 -25.76
CA PRO A 221 17.84 -16.69 -25.84
C PRO A 221 18.25 -17.11 -27.25
N ALA A 222 19.48 -16.75 -27.65
CA ALA A 222 19.95 -16.97 -29.03
C ALA A 222 19.83 -18.43 -29.50
N PHE B 6 -1.50 -19.48 22.03
CA PHE B 6 -1.52 -19.32 20.58
C PHE B 6 -2.79 -19.88 19.96
N ASP B 7 -3.55 -19.02 19.30
CA ASP B 7 -4.75 -19.45 18.61
C ASP B 7 -4.58 -19.24 17.12
N PRO B 8 -4.64 -20.32 16.34
CA PRO B 8 -4.45 -20.19 14.89
C PRO B 8 -5.54 -19.32 14.31
N GLY B 9 -6.76 -19.53 14.79
CA GLY B 9 -7.94 -18.92 14.21
C GLY B 9 -7.91 -17.41 14.27
N THR B 10 -7.08 -16.87 15.15
CA THR B 10 -7.00 -15.44 15.37
C THR B 10 -5.58 -14.87 15.33
N SER B 11 -4.57 -15.73 15.38
CA SER B 11 -3.19 -15.25 15.38
C SER B 11 -2.87 -14.49 14.10
N ASN B 12 -2.04 -13.46 14.22
CA ASN B 12 -1.51 -12.77 13.05
C ASN B 12 0.01 -12.89 13.02
N ARG B 13 0.51 -13.95 13.62
CA ARG B 13 1.95 -14.20 13.67
C ARG B 13 2.54 -14.43 12.27
N ASN B 14 3.76 -13.96 12.08
CA ASN B 14 4.50 -14.15 10.83
C ASN B 14 5.61 -15.15 11.06
N PHE B 15 5.38 -16.39 10.65
CA PHE B 15 6.39 -17.43 10.82
C PHE B 15 7.44 -17.37 9.73
N ARG B 16 8.71 -17.41 10.14
CA ARG B 16 9.83 -17.40 9.21
C ARG B 16 10.47 -18.77 9.10
N ILE B 17 10.48 -19.30 7.88
CA ILE B 17 11.04 -20.60 7.57
C ILE B 17 12.27 -20.43 6.68
N ALA B 18 13.40 -20.95 7.13
CA ALA B 18 14.63 -20.91 6.35
C ALA B 18 14.72 -22.15 5.49
N ALA B 19 14.96 -21.95 4.21
CA ALA B 19 14.99 -23.04 3.26
C ALA B 19 15.54 -22.56 1.93
N SER B 20 16.07 -23.50 1.16
CA SER B 20 16.51 -23.19 -0.19
C SER B 20 15.30 -22.73 -1.00
N ASP B 21 15.54 -22.12 -2.15
CA ASP B 21 14.44 -21.65 -2.96
C ASP B 21 13.54 -22.85 -3.28
N PHE B 22 14.16 -23.99 -3.54
CA PHE B 22 13.44 -25.21 -3.79
C PHE B 22 12.59 -25.64 -2.59
N GLY B 23 13.17 -25.65 -1.40
CA GLY B 23 12.43 -25.97 -0.18
C GLY B 23 11.23 -25.07 0.10
N GLN B 24 11.42 -23.77 -0.05
CA GLN B 24 10.35 -22.78 0.02
C GLN B 24 9.19 -23.11 -0.92
N ALA B 25 9.51 -23.46 -2.17
CA ALA B 25 8.52 -23.76 -3.18
C ALA B 25 7.77 -25.06 -2.86
N LEU B 26 8.47 -25.97 -2.21
CA LEU B 26 7.89 -27.21 -1.77
C LEU B 26 6.90 -26.98 -0.62
N MET B 27 7.34 -26.20 0.36
CA MET B 27 6.66 -26.02 1.63
C MET B 27 5.42 -25.11 1.61
N LEU B 28 5.59 -23.85 1.24
CA LEU B 28 4.54 -22.85 1.37
C LEU B 28 3.20 -23.26 0.75
N PRO B 29 3.20 -23.81 -0.49
CA PRO B 29 1.94 -24.24 -1.11
C PRO B 29 1.27 -25.38 -0.35
N ARG B 30 2.04 -26.12 0.43
CA ARG B 30 1.51 -27.21 1.22
C ARG B 30 1.04 -26.73 2.60
N LEU B 31 1.23 -25.45 2.86
CA LEU B 31 0.74 -24.85 4.10
C LEU B 31 -0.52 -24.05 3.82
N TYR B 32 -0.78 -23.78 2.54
CA TYR B 32 -1.79 -22.79 2.18
C TYR B 32 -3.20 -23.18 2.62
N ALA B 33 -3.54 -24.45 2.53
CA ALA B 33 -4.83 -24.95 2.95
C ALA B 33 -5.07 -24.68 4.43
N THR B 34 -4.14 -25.17 5.25
CA THR B 34 -4.18 -24.96 6.69
C THR B 34 -4.34 -23.50 7.07
N LEU B 35 -3.69 -22.61 6.33
CA LEU B 35 -3.79 -21.19 6.60
C LEU B 35 -5.20 -20.67 6.30
N GLU B 36 -5.70 -20.92 5.11
CA GLU B 36 -7.01 -20.41 4.73
C GLU B 36 -8.12 -20.98 5.63
N GLU B 37 -8.03 -22.28 5.92
CA GLU B 37 -9.05 -22.97 6.70
C GLU B 37 -8.99 -22.72 8.22
N THR B 38 -7.80 -22.55 8.77
CA THR B 38 -7.67 -22.55 10.22
C THR B 38 -6.81 -21.45 10.82
N ALA B 39 -6.15 -20.65 9.98
CA ALA B 39 -5.30 -19.60 10.49
C ALA B 39 -5.16 -18.46 9.51
N PRO B 40 -6.28 -17.80 9.17
CA PRO B 40 -6.45 -16.83 8.09
C PRO B 40 -5.55 -15.60 8.17
N GLN B 41 -4.91 -15.35 9.31
CA GLN B 41 -4.09 -14.15 9.44
C GLN B 41 -2.66 -14.48 9.80
N VAL B 42 -2.35 -15.76 9.80
CA VAL B 42 -0.98 -16.17 9.97
C VAL B 42 -0.23 -16.07 8.64
N ARG B 43 0.90 -15.36 8.67
CA ARG B 43 1.75 -15.25 7.49
C ARG B 43 2.86 -16.27 7.55
N VAL B 44 3.26 -16.78 6.38
CA VAL B 44 4.49 -17.57 6.27
C VAL B 44 5.49 -16.88 5.34
N THR B 45 6.69 -16.67 5.85
CA THR B 45 7.76 -16.02 5.13
C THR B 45 8.85 -17.05 4.87
N GLY B 46 9.16 -17.30 3.60
CA GLY B 46 10.33 -18.09 3.23
C GLY B 46 11.61 -17.26 3.24
N VAL B 47 12.63 -17.74 3.92
CA VAL B 47 13.91 -17.02 4.05
C VAL B 47 15.07 -17.82 3.46
N ASN B 48 15.86 -17.20 2.61
CA ASN B 48 17.02 -17.86 2.00
C ASN B 48 18.09 -18.25 3.01
N LEU B 49 18.73 -19.38 2.74
CA LEU B 49 19.91 -19.80 3.51
C LEU B 49 21.00 -18.75 3.41
N ARG B 50 21.72 -18.55 4.51
CA ARG B 50 22.85 -17.63 4.51
C ARG B 50 24.18 -18.35 4.69
N HIS B 51 25.25 -17.58 4.53
CA HIS B 51 26.60 -18.08 4.73
C HIS B 51 26.90 -18.27 6.23
N GLY B 52 26.23 -17.48 7.06
CA GLY B 52 26.45 -17.52 8.49
C GLY B 52 25.99 -18.82 9.14
N PRO B 53 26.13 -18.91 10.46
CA PRO B 53 25.67 -20.09 11.22
C PRO B 53 24.16 -20.10 11.38
N LEU B 54 23.54 -21.15 10.85
CA LEU B 54 22.10 -21.28 10.85
C LEU B 54 21.54 -21.40 12.27
N VAL B 55 22.26 -22.09 13.14
CA VAL B 55 21.79 -22.38 14.50
C VAL B 55 21.64 -21.10 15.33
N GLU B 56 22.43 -20.09 14.99
CA GLU B 56 22.44 -18.84 15.72
C GLU B 56 21.26 -17.98 15.26
N GLU B 57 20.63 -18.42 14.17
CA GLU B 57 19.46 -17.76 13.63
C GLU B 57 18.21 -18.34 14.27
N LEU B 58 18.21 -19.66 14.46
CA LEU B 58 17.12 -20.34 15.15
C LEU B 58 17.03 -19.91 16.62
N GLU B 59 18.19 -19.75 17.25
CA GLU B 59 18.26 -19.41 18.68
C GLU B 59 17.69 -18.02 18.97
N SER B 60 18.08 -17.03 18.17
CA SER B 60 17.61 -15.67 18.38
C SER B 60 16.12 -15.57 18.07
N GLY B 61 15.58 -16.59 17.42
CA GLY B 61 14.19 -16.58 16.99
C GLY B 61 13.96 -15.75 15.74
N SER B 62 15.03 -15.41 15.04
CA SER B 62 14.90 -14.66 13.78
C SER B 62 14.34 -15.58 12.71
N ILE B 63 14.60 -16.87 12.89
CA ILE B 63 14.02 -17.94 12.10
C ILE B 63 13.28 -18.84 13.06
N ASP B 64 12.10 -19.33 12.67
CA ASP B 64 11.34 -20.21 13.55
C ASP B 64 11.69 -21.65 13.26
N ILE B 65 11.83 -21.96 11.99
CA ILE B 65 12.02 -23.33 11.52
C ILE B 65 12.97 -23.34 10.34
N ALA B 66 13.81 -24.36 10.28
CA ALA B 66 14.65 -24.59 9.11
C ALA B 66 14.18 -25.87 8.46
N PHE B 67 14.12 -25.87 7.14
CA PHE B 67 13.58 -27.00 6.42
C PHE B 67 14.58 -27.41 5.35
N GLY B 68 14.91 -28.70 5.32
CA GLY B 68 15.92 -29.20 4.40
C GLY B 68 16.82 -30.24 5.03
N GLY B 69 18.08 -30.21 4.64
CA GLY B 69 19.08 -31.13 5.18
C GLY B 69 20.30 -30.34 5.60
N PHE B 70 20.50 -30.17 6.90
CA PHE B 70 21.62 -29.39 7.39
C PHE B 70 22.43 -30.20 8.39
N PRO B 71 23.45 -30.91 7.88
CA PRO B 71 24.27 -31.86 8.66
C PRO B 71 25.06 -31.21 9.79
N THR B 72 25.26 -29.91 9.75
CA THR B 72 26.03 -29.21 10.78
C THR B 72 25.15 -28.77 11.95
N LEU B 73 23.87 -29.06 11.87
CA LEU B 73 22.92 -28.73 12.92
C LEU B 73 22.81 -29.88 13.93
N SER B 74 22.86 -29.54 15.21
CA SER B 74 22.61 -30.51 16.28
C SER B 74 22.69 -29.83 17.64
N ALA B 75 23.86 -29.28 17.95
CA ALA B 75 24.11 -28.63 19.24
C ALA B 75 23.02 -27.63 19.59
N GLY B 76 22.13 -28.01 20.51
CA GLY B 76 21.04 -27.14 20.92
C GLY B 76 19.93 -27.13 19.89
N ILE B 77 19.86 -28.15 19.05
CA ILE B 77 18.89 -28.18 17.97
C ILE B 77 18.11 -29.49 17.86
N LYS B 78 16.79 -29.39 17.91
CA LYS B 78 15.96 -30.56 17.72
C LYS B 78 15.65 -30.74 16.24
N THR B 79 15.19 -31.92 15.88
CA THR B 79 15.06 -32.31 14.49
C THR B 79 13.93 -33.31 14.31
N GLN B 80 13.30 -33.29 13.15
CA GLN B 80 12.40 -34.37 12.78
C GLN B 80 12.44 -34.62 11.28
N THR B 81 12.69 -35.87 10.92
CA THR B 81 12.90 -36.28 9.55
C THR B 81 11.60 -36.44 8.79
N LEU B 82 11.47 -35.72 7.68
CA LEU B 82 10.20 -35.67 6.96
C LEU B 82 10.15 -36.63 5.79
N PHE B 83 11.27 -36.78 5.07
CA PHE B 83 11.35 -37.73 3.97
C PHE B 83 12.77 -37.84 3.43
N ARG B 84 12.92 -38.63 2.37
CA ARG B 84 14.22 -38.80 1.75
C ARG B 84 14.17 -38.62 0.24
N GLU B 85 15.24 -38.09 -0.33
CA GLU B 85 15.28 -37.81 -1.75
C GLU B 85 16.43 -38.53 -2.45
N GLU B 86 16.27 -38.69 -3.74
CA GLU B 86 17.29 -39.25 -4.61
C GLU B 86 17.53 -38.28 -5.76
N TYR B 87 18.73 -38.28 -6.33
CA TYR B 87 19.02 -37.38 -7.43
C TYR B 87 18.87 -38.00 -8.81
N VAL B 88 18.66 -37.13 -9.79
CA VAL B 88 18.62 -37.48 -11.19
C VAL B 88 19.19 -36.32 -11.98
N CYS B 89 19.25 -36.49 -13.29
CA CYS B 89 19.67 -35.48 -14.24
C CYS B 89 18.49 -35.10 -15.06
N VAL B 90 18.50 -33.87 -15.54
CA VAL B 90 17.57 -33.45 -16.55
C VAL B 90 18.29 -32.76 -17.68
N MET B 91 17.71 -32.89 -18.87
CA MET B 91 18.16 -32.16 -20.04
C MET B 91 16.93 -31.86 -20.86
N ARG B 92 16.94 -30.80 -21.64
CA ARG B 92 15.78 -30.45 -22.43
C ARG B 92 15.67 -31.41 -23.62
N GLN B 93 14.45 -31.64 -24.09
CA GLN B 93 14.17 -32.61 -25.15
C GLN B 93 14.85 -32.25 -26.49
N SER B 94 15.33 -31.03 -26.62
CA SER B 94 16.04 -30.63 -27.83
C SER B 94 17.56 -30.81 -27.69
N HIS B 95 17.99 -31.48 -26.63
CA HIS B 95 19.41 -31.67 -26.37
C HIS B 95 19.95 -32.85 -27.20
N PRO B 96 21.13 -32.67 -27.82
CA PRO B 96 21.77 -33.66 -28.69
C PRO B 96 22.10 -34.96 -27.96
N ALA B 97 22.24 -34.89 -26.65
CA ALA B 97 22.61 -36.06 -25.85
C ALA B 97 21.41 -36.98 -25.64
N LEU B 98 20.24 -36.51 -26.03
CA LEU B 98 19.00 -37.22 -25.79
C LEU B 98 18.96 -38.57 -26.48
N THR B 99 19.44 -38.60 -27.72
CA THR B 99 19.39 -39.81 -28.54
C THR B 99 20.10 -40.99 -27.88
N HIS B 100 21.39 -40.83 -27.63
CA HIS B 100 22.22 -41.94 -27.17
C HIS B 100 22.25 -42.06 -25.66
N GLY B 101 21.76 -41.06 -24.96
CA GLY B 101 21.67 -41.16 -23.50
C GLY B 101 22.84 -40.62 -22.72
N LEU B 102 22.88 -40.95 -21.44
CA LEU B 102 23.78 -40.26 -20.54
C LEU B 102 24.73 -41.22 -19.82
N ASP B 103 25.44 -42.05 -20.58
CA ASP B 103 26.53 -42.80 -19.98
C ASP B 103 27.52 -41.76 -19.44
N LEU B 104 28.35 -42.15 -18.48
CA LEU B 104 29.29 -41.23 -17.85
C LEU B 104 30.19 -40.49 -18.85
N GLU B 105 30.70 -41.23 -19.82
CA GLU B 105 31.60 -40.65 -20.82
C GLU B 105 30.92 -39.53 -21.62
N ALA B 106 29.68 -39.72 -22.06
CA ALA B 106 28.94 -38.68 -22.78
C ALA B 106 28.57 -37.54 -21.82
N PHE B 107 28.29 -37.90 -20.57
CA PHE B 107 27.97 -36.95 -19.48
C PHE B 107 29.07 -35.93 -19.34
N ARG B 108 30.32 -36.41 -19.40
CA ARG B 108 31.48 -35.55 -19.27
C ARG B 108 31.69 -34.63 -20.47
N GLN B 109 31.17 -35.01 -21.62
CA GLN B 109 31.31 -34.22 -22.83
C GLN B 109 30.22 -33.14 -22.95
N CYS B 110 29.17 -33.24 -22.15
CA CYS B 110 28.11 -32.23 -22.16
C CYS B 110 28.52 -30.99 -21.39
N ARG B 111 27.71 -29.94 -21.50
CA ARG B 111 27.87 -28.78 -20.66
C ARG B 111 26.91 -28.90 -19.47
N HIS B 112 27.31 -28.30 -18.36
CA HIS B 112 26.63 -28.49 -17.10
C HIS B 112 26.33 -27.18 -16.43
N ILE B 113 25.21 -27.17 -15.70
CA ILE B 113 24.92 -26.14 -14.75
C ILE B 113 24.87 -26.81 -13.40
N ILE B 114 25.64 -26.27 -12.48
CA ILE B 114 25.82 -26.85 -11.18
C ILE B 114 25.16 -25.94 -10.17
N VAL B 115 24.39 -26.53 -9.27
CA VAL B 115 23.90 -25.77 -8.13
C VAL B 115 24.95 -25.85 -7.02
N THR B 116 25.42 -24.70 -6.56
CA THR B 116 26.46 -24.69 -5.56
C THR B 116 25.87 -24.46 -4.16
N ALA B 117 26.39 -25.18 -3.17
CA ALA B 117 25.76 -25.19 -1.86
C ALA B 117 26.71 -25.14 -0.68
N HIS B 118 28.00 -25.36 -0.92
CA HIS B 118 28.95 -25.48 0.20
C HIS B 118 28.99 -24.19 1.02
N GLU B 119 28.77 -23.05 0.36
CA GLU B 119 28.73 -21.77 1.04
C GLU B 119 27.53 -21.64 1.99
N PHE B 120 26.53 -22.47 1.79
CA PHE B 120 25.30 -22.37 2.56
C PHE B 120 25.14 -23.53 3.51
N ASN B 121 26.04 -24.50 3.38
CA ASN B 121 26.06 -25.64 4.28
C ASN B 121 24.78 -26.44 4.33
N HIS B 122 24.20 -26.74 3.17
CA HIS B 122 23.16 -27.74 3.15
C HIS B 122 23.60 -28.97 2.37
N VAL B 123 22.85 -30.04 2.54
CA VAL B 123 23.25 -31.36 2.10
C VAL B 123 23.60 -31.46 0.62
N HIS B 124 23.07 -30.55 -0.18
CA HIS B 124 23.37 -30.61 -1.60
C HIS B 124 24.87 -30.51 -1.86
N GLU B 125 25.64 -30.04 -0.88
CA GLU B 125 27.08 -29.87 -1.10
C GLU B 125 27.78 -31.21 -1.34
N GLN B 126 27.20 -32.29 -0.85
CA GLN B 126 27.75 -33.63 -1.06
C GLN B 126 27.63 -34.05 -2.52
N VAL B 127 26.52 -33.69 -3.15
CA VAL B 127 26.33 -33.95 -4.56
C VAL B 127 27.26 -33.06 -5.37
N GLU B 128 27.30 -31.79 -4.97
CA GLU B 128 28.16 -30.82 -5.65
C GLU B 128 29.61 -31.33 -5.73
N ALA B 129 30.10 -31.92 -4.63
CA ALA B 129 31.46 -32.41 -4.56
C ALA B 129 31.68 -33.61 -5.48
N ARG B 130 30.71 -34.52 -5.53
CA ARG B 130 30.83 -35.71 -6.36
C ARG B 130 30.87 -35.37 -7.84
N LEU B 131 30.08 -34.39 -8.24
CA LEU B 131 30.04 -33.94 -9.62
C LEU B 131 31.38 -33.29 -9.99
N LEU B 132 31.89 -32.45 -9.11
CA LEU B 132 33.10 -31.70 -9.39
C LEU B 132 34.33 -32.60 -9.46
N GLU B 133 34.30 -33.73 -8.79
CA GLU B 133 35.44 -34.61 -8.85
C GLU B 133 35.47 -35.39 -10.17
N LEU B 134 34.30 -35.68 -10.74
CA LEU B 134 34.29 -36.50 -11.95
C LEU B 134 34.12 -35.70 -13.24
N LEU B 135 34.00 -34.40 -13.12
CA LEU B 135 33.72 -33.59 -14.30
C LEU B 135 34.89 -32.73 -14.66
N PRO B 136 35.30 -32.76 -15.92
CA PRO B 136 36.31 -31.81 -16.36
C PRO B 136 35.81 -30.40 -16.10
N PRO B 137 36.68 -29.57 -15.55
CA PRO B 137 36.39 -28.17 -15.21
C PRO B 137 35.77 -27.40 -16.38
N GLU B 138 36.16 -27.72 -17.60
CA GLU B 138 35.67 -27.01 -18.77
C GLU B 138 34.25 -27.42 -19.17
N SER B 139 33.68 -28.40 -18.48
CA SER B 139 32.32 -28.80 -18.81
C SER B 139 31.28 -28.08 -17.93
N ILE B 140 31.75 -27.33 -16.95
CA ILE B 140 30.86 -26.53 -16.11
C ILE B 140 30.68 -25.15 -16.73
N ARG B 141 29.51 -24.91 -17.29
CA ARG B 141 29.25 -23.67 -17.99
C ARG B 141 28.62 -22.62 -17.05
N PHE B 142 27.73 -23.08 -16.18
CA PHE B 142 26.96 -22.20 -15.32
C PHE B 142 27.00 -22.68 -13.89
N THR B 143 27.05 -21.74 -12.96
CA THR B 143 26.80 -22.04 -11.57
C THR B 143 25.76 -21.04 -10.99
N THR B 144 24.98 -21.53 -10.04
CA THR B 144 24.01 -20.71 -9.33
C THR B 144 23.77 -21.31 -7.96
N GLU B 145 23.30 -20.49 -7.03
CA GLU B 145 22.91 -20.97 -5.71
C GLU B 145 21.43 -21.37 -5.64
N ASN B 146 20.65 -21.06 -6.69
CA ASN B 146 19.20 -21.30 -6.74
C ASN B 146 18.77 -22.48 -7.59
N PHE B 147 18.11 -23.46 -6.97
CA PHE B 147 17.60 -24.61 -7.70
C PHE B 147 16.67 -24.24 -8.85
N LEU B 148 15.76 -23.30 -8.63
CA LEU B 148 14.78 -22.96 -9.64
C LEU B 148 15.44 -22.20 -10.78
N VAL B 149 16.40 -21.36 -10.47
CA VAL B 149 17.17 -20.69 -11.52
C VAL B 149 17.79 -21.76 -12.44
N SER B 150 18.32 -22.82 -11.84
CA SER B 150 19.05 -23.79 -12.60
C SER B 150 18.12 -24.60 -13.48
N ALA B 151 16.97 -25.00 -12.93
CA ALA B 151 15.93 -25.68 -13.71
C ALA B 151 15.45 -24.86 -14.90
N VAL B 152 15.17 -23.57 -14.71
CA VAL B 152 14.68 -22.80 -15.84
C VAL B 152 15.80 -22.55 -16.86
N ILE B 153 17.03 -22.38 -16.40
CA ILE B 153 18.16 -22.29 -17.32
C ILE B 153 18.30 -23.59 -18.14
N ALA B 154 18.15 -24.74 -17.50
CA ALA B 154 18.21 -26.01 -18.20
C ALA B 154 17.08 -26.14 -19.23
N GLU B 155 15.95 -25.47 -18.97
CA GLU B 155 14.82 -25.53 -19.87
C GLU B 155 15.10 -24.73 -21.13
N GLU B 156 15.85 -23.65 -20.98
CA GLU B 156 16.16 -22.73 -22.06
C GLU B 156 17.44 -23.06 -22.84
N THR B 157 18.33 -23.86 -22.26
CA THR B 157 19.64 -24.11 -22.87
C THR B 157 20.04 -25.57 -22.80
N ASP B 158 20.95 -25.96 -23.69
CA ASP B 158 21.47 -27.34 -23.70
C ASP B 158 22.51 -27.61 -22.62
N VAL B 159 22.08 -27.62 -21.36
CA VAL B 159 22.95 -27.96 -20.26
C VAL B 159 22.33 -29.07 -19.42
N ILE B 160 23.18 -29.88 -18.81
CA ILE B 160 22.75 -30.98 -17.98
C ILE B 160 22.64 -30.50 -16.55
N LEU B 161 21.55 -30.83 -15.90
CA LEU B 161 21.35 -30.42 -14.53
C LEU B 161 21.14 -31.62 -13.65
N THR B 162 21.85 -31.67 -12.53
CA THR B 162 21.72 -32.77 -11.59
C THR B 162 21.02 -32.28 -10.31
N ILE B 163 19.86 -32.86 -10.00
CA ILE B 163 18.97 -32.34 -8.96
C ILE B 163 18.10 -33.38 -8.24
N PRO B 164 17.58 -33.01 -7.06
CA PRO B 164 16.59 -33.80 -6.32
C PRO B 164 15.48 -34.27 -7.26
N SER B 165 15.05 -35.50 -7.11
CA SER B 165 14.04 -36.09 -8.00
C SER B 165 12.66 -35.38 -7.99
N ARG B 166 12.20 -34.90 -6.84
CA ARG B 166 10.93 -34.15 -6.80
C ARG B 166 10.98 -32.90 -7.66
N LEU B 167 12.12 -32.19 -7.63
CA LEU B 167 12.25 -30.97 -8.40
C LEU B 167 12.24 -31.28 -9.90
N ALA B 168 12.95 -32.34 -10.27
CA ALA B 168 13.00 -32.77 -11.67
C ALA B 168 11.62 -33.16 -12.20
N ARG B 169 10.87 -33.94 -11.41
CA ARG B 169 9.55 -34.41 -11.84
C ARG B 169 8.58 -33.24 -12.03
N TRP B 170 8.64 -32.29 -11.12
CA TRP B 170 7.74 -31.15 -11.15
C TRP B 170 7.95 -30.29 -12.39
N PHE B 171 9.22 -30.09 -12.77
CA PHE B 171 9.52 -29.35 -14.00
C PHE B 171 9.32 -30.16 -15.26
N ALA B 172 9.67 -31.44 -15.22
CA ALA B 172 9.57 -32.30 -16.39
C ALA B 172 8.11 -32.40 -16.84
N ASN B 173 7.21 -32.45 -15.87
CA ASN B 173 5.78 -32.58 -16.14
C ASN B 173 5.17 -31.29 -16.66
N ARG B 174 5.96 -30.22 -16.67
CA ARG B 174 5.42 -28.92 -17.05
C ARG B 174 6.23 -28.23 -18.10
N GLY B 175 7.25 -28.92 -18.61
CA GLY B 175 8.19 -28.36 -19.56
C GLY B 175 8.95 -29.41 -20.36
N GLY B 176 9.91 -28.96 -21.16
CA GLY B 176 10.62 -29.86 -22.07
C GLY B 176 11.73 -30.68 -21.44
N LEU B 177 11.83 -30.68 -20.12
CA LEU B 177 12.92 -31.36 -19.47
C LEU B 177 12.59 -32.84 -19.41
N THR B 178 13.58 -33.68 -19.69
CA THR B 178 13.48 -35.12 -19.63
C THR B 178 14.43 -35.66 -18.56
N ILE B 179 14.01 -36.71 -17.86
CA ILE B 179 14.76 -37.21 -16.70
C ILE B 179 15.63 -38.45 -16.99
N PHE B 180 16.88 -38.39 -16.53
CA PHE B 180 17.86 -39.46 -16.69
C PHE B 180 18.49 -39.82 -15.36
N PRO B 181 18.87 -41.09 -15.19
CA PRO B 181 19.69 -41.42 -14.01
C PRO B 181 21.03 -40.69 -14.09
N VAL B 182 21.66 -40.48 -12.95
CA VAL B 182 22.95 -39.84 -12.96
C VAL B 182 24.00 -40.97 -12.99
N PRO B 183 24.91 -40.93 -13.97
CA PRO B 183 25.95 -41.95 -14.14
C PRO B 183 27.10 -41.73 -13.16
N ILE B 184 26.75 -41.24 -11.99
CA ILE B 184 27.65 -41.04 -10.88
C ILE B 184 27.01 -41.52 -9.59
N GLU B 185 27.79 -42.13 -8.72
CA GLU B 185 27.31 -42.54 -7.42
C GLU B 185 26.99 -41.29 -6.61
N LEU B 186 25.83 -41.31 -5.95
CA LEU B 186 25.39 -40.20 -5.13
C LEU B 186 24.65 -40.71 -3.90
N PRO B 187 24.82 -40.05 -2.76
CA PRO B 187 24.15 -40.40 -1.51
C PRO B 187 22.64 -40.18 -1.55
N SER B 188 21.90 -40.89 -0.71
CA SER B 188 20.51 -40.56 -0.44
C SER B 188 20.49 -39.30 0.40
N ILE B 189 19.37 -38.61 0.38
CA ILE B 189 19.22 -37.37 1.11
C ILE B 189 18.11 -37.47 2.15
N GLU B 190 18.40 -37.00 3.36
CA GLU B 190 17.39 -36.95 4.40
C GLU B 190 16.92 -35.52 4.60
N VAL B 191 15.64 -35.27 4.35
CA VAL B 191 15.08 -33.95 4.50
C VAL B 191 14.36 -33.85 5.84
N LYS B 192 14.76 -32.87 6.65
CA LYS B 192 14.24 -32.74 8.00
C LYS B 192 13.67 -31.34 8.25
N GLN B 193 13.01 -31.17 9.40
CA GLN B 193 12.75 -29.84 9.90
C GLN B 193 13.51 -29.65 11.21
N TYR B 194 14.06 -28.46 11.40
CA TYR B 194 14.92 -28.17 12.53
C TYR B 194 14.40 -27.00 13.36
N TRP B 195 14.51 -27.10 14.67
CA TRP B 195 14.17 -25.98 15.54
C TRP B 195 15.03 -25.98 16.79
N HIS B 196 15.26 -24.80 17.35
CA HIS B 196 16.12 -24.64 18.52
C HIS B 196 15.40 -25.10 19.78
N GLU B 197 16.16 -25.64 20.72
CA GLU B 197 15.60 -26.06 22.01
C GLU B 197 14.72 -24.98 22.61
N ARG B 198 15.25 -23.75 22.64
CA ARG B 198 14.61 -22.62 23.29
C ARG B 198 13.14 -22.44 22.89
N TYR B 199 12.76 -22.97 21.74
CA TYR B 199 11.40 -22.80 21.27
C TYR B 199 10.70 -24.13 21.13
N ASP B 200 11.32 -25.17 21.70
CA ASP B 200 10.74 -26.50 21.69
C ASP B 200 9.36 -26.50 22.35
N LYS B 201 9.14 -25.55 23.24
CA LYS B 201 7.89 -25.50 23.99
C LYS B 201 6.99 -24.34 23.55
N ASP B 202 7.49 -23.48 22.67
CA ASP B 202 6.71 -22.34 22.21
C ASP B 202 5.48 -22.80 21.45
N PRO B 203 4.29 -22.42 21.95
CA PRO B 203 2.99 -22.85 21.40
C PRO B 203 2.88 -22.61 19.89
N GLY B 204 3.39 -21.48 19.41
CA GLY B 204 3.36 -21.19 17.99
C GLY B 204 4.24 -22.16 17.20
N ASN B 205 5.48 -22.32 17.65
CA ASN B 205 6.40 -23.24 17.00
C ASN B 205 5.84 -24.65 16.96
N ILE B 206 5.33 -25.10 18.10
CA ILE B 206 4.78 -26.44 18.23
C ILE B 206 3.72 -26.66 17.19
N TRP B 207 2.82 -25.68 17.05
CA TRP B 207 1.73 -25.79 16.10
C TRP B 207 2.20 -25.89 14.65
N LEU B 208 3.09 -24.99 14.24
CA LEU B 208 3.65 -25.02 12.89
C LEU B 208 4.34 -26.34 12.58
N ARG B 209 5.23 -26.79 13.44
CA ARG B 209 5.96 -28.01 13.13
C ARG B 209 5.04 -29.22 13.19
N ARG B 210 3.94 -29.11 13.92
CA ARG B 210 2.95 -30.17 13.96
C ARG B 210 2.24 -30.25 12.61
N VAL B 211 1.92 -29.10 12.05
CA VAL B 211 1.28 -29.02 10.74
C VAL B 211 2.21 -29.51 9.65
N ILE B 212 3.49 -29.19 9.79
CA ILE B 212 4.49 -29.59 8.80
C ILE B 212 4.66 -31.11 8.81
N ALA B 213 4.70 -31.68 10.01
CA ALA B 213 4.80 -33.13 10.17
C ALA B 213 3.63 -33.88 9.55
N LYS B 214 2.52 -33.20 9.33
CA LYS B 214 1.34 -33.88 8.81
C LYS B 214 1.19 -33.70 7.30
N ILE B 215 2.08 -32.92 6.69
CA ILE B 215 2.08 -32.74 5.25
C ILE B 215 2.41 -34.04 4.52
N GLY B 216 1.75 -34.27 3.39
CA GLY B 216 2.12 -35.35 2.48
C GLY B 216 3.08 -34.84 1.42
N PHE B 217 4.33 -35.32 1.47
CA PHE B 217 5.38 -34.82 0.58
C PHE B 217 5.63 -35.70 -0.64
N GLN B 218 4.60 -36.42 -1.10
CA GLN B 218 4.70 -37.15 -2.37
C GLN B 218 3.35 -37.11 -3.10
N ASN B 219 2.46 -36.28 -2.58
CA ASN B 219 1.22 -35.92 -3.27
C ASN B 219 1.08 -34.41 -3.36
N PRO B 220 0.17 -33.91 -4.22
CA PRO B 220 0.21 -32.48 -4.53
C PRO B 220 -0.21 -31.59 -3.36
N PRO B 221 -0.22 -30.27 -3.54
CA PRO B 221 -0.68 -29.44 -2.42
C PRO B 221 -2.20 -29.36 -2.35
N ALA B 222 -2.72 -29.17 -1.14
CA ALA B 222 -4.16 -29.05 -0.94
C ALA B 222 -4.64 -27.61 -1.21
N ARG C 5 -15.58 40.42 -18.61
CA ARG C 5 -14.94 39.89 -19.82
C ARG C 5 -14.25 38.55 -19.54
N PHE C 6 -14.88 37.47 -19.97
CA PHE C 6 -14.40 36.13 -19.58
C PHE C 6 -14.08 35.22 -20.76
N ASP C 7 -12.80 34.83 -20.84
CA ASP C 7 -12.37 33.76 -21.73
C ASP C 7 -11.74 32.64 -20.90
N PRO C 8 -12.35 31.45 -20.94
CA PRO C 8 -12.01 30.32 -20.05
C PRO C 8 -10.60 29.80 -20.26
N GLY C 9 -10.18 29.70 -21.51
CA GLY C 9 -8.89 29.11 -21.83
C GLY C 9 -7.70 29.96 -21.42
N THR C 10 -7.95 31.19 -21.00
CA THR C 10 -6.86 32.09 -20.65
C THR C 10 -7.05 32.70 -19.28
N SER C 11 -8.28 32.61 -18.78
CA SER C 11 -8.61 33.24 -17.51
C SER C 11 -7.95 32.56 -16.32
N ASN C 12 -7.66 33.37 -15.31
CA ASN C 12 -7.05 32.92 -14.06
C ASN C 12 -7.92 33.33 -12.88
N ARG C 13 -9.21 33.45 -13.14
CA ARG C 13 -10.16 33.81 -12.10
C ARG C 13 -10.27 32.70 -11.05
N ASN C 14 -10.34 33.12 -9.80
CA ASN C 14 -10.61 32.21 -8.70
C ASN C 14 -12.08 32.29 -8.36
N PHE C 15 -12.85 31.29 -8.76
CA PHE C 15 -14.27 31.22 -8.44
C PHE C 15 -14.47 30.65 -7.05
N ARG C 16 -15.35 31.28 -6.27
CA ARG C 16 -15.67 30.78 -4.93
C ARG C 16 -17.08 30.17 -4.84
N ILE C 17 -17.13 28.91 -4.45
CA ILE C 17 -18.39 28.18 -4.33
C ILE C 17 -18.70 27.87 -2.89
N ALA C 18 -19.78 28.42 -2.36
CA ALA C 18 -20.19 28.13 -0.99
C ALA C 18 -20.97 26.80 -0.94
N ALA C 19 -20.52 25.90 -0.08
CA ALA C 19 -21.15 24.59 0.08
C ALA C 19 -20.76 23.92 1.38
N SER C 20 -21.57 22.96 1.78
CA SER C 20 -21.22 22.06 2.86
C SER C 20 -19.95 21.28 2.44
N ASP C 21 -19.27 20.68 3.40
CA ASP C 21 -18.10 19.87 3.04
C ASP C 21 -18.49 18.74 2.09
N PHE C 22 -19.69 18.17 2.27
CA PHE C 22 -20.23 17.18 1.34
C PHE C 22 -20.40 17.75 -0.07
N GLY C 23 -21.01 18.93 -0.18
CA GLY C 23 -21.21 19.57 -1.46
C GLY C 23 -19.91 19.87 -2.19
N GLN C 24 -18.89 20.26 -1.45
CA GLN C 24 -17.59 20.54 -2.05
C GLN C 24 -16.98 19.28 -2.64
N ALA C 25 -17.09 18.18 -1.89
CA ALA C 25 -16.56 16.91 -2.31
C ALA C 25 -17.31 16.40 -3.54
N LEU C 26 -18.62 16.64 -3.61
CA LEU C 26 -19.43 16.27 -4.75
C LEU C 26 -19.07 17.04 -5.99
N MET C 27 -18.79 18.33 -5.78
CA MET C 27 -18.72 19.29 -6.88
C MET C 27 -17.33 19.43 -7.52
N LEU C 28 -16.32 19.61 -6.69
CA LEU C 28 -15.00 19.97 -7.19
C LEU C 28 -14.38 18.90 -8.09
N PRO C 29 -14.40 17.63 -7.65
CA PRO C 29 -13.92 16.54 -8.51
C PRO C 29 -14.62 16.55 -9.86
N ARG C 30 -15.89 16.94 -9.86
CA ARG C 30 -16.68 16.90 -11.07
C ARG C 30 -16.42 18.12 -11.93
N LEU C 31 -15.70 19.10 -11.40
CA LEU C 31 -15.23 20.23 -12.21
C LEU C 31 -13.84 20.01 -12.83
N TYR C 32 -13.08 19.04 -12.32
CA TYR C 32 -11.65 18.90 -12.64
C TYR C 32 -11.34 18.76 -14.14
N ALA C 33 -11.95 17.80 -14.81
CA ALA C 33 -11.72 17.56 -16.23
C ALA C 33 -12.02 18.78 -17.07
N THR C 34 -13.09 19.47 -16.74
CA THR C 34 -13.46 20.70 -17.44
C THR C 34 -12.38 21.77 -17.26
N LEU C 35 -11.88 21.94 -16.04
CA LEU C 35 -10.79 22.89 -15.80
C LEU C 35 -9.53 22.48 -16.56
N GLU C 36 -9.16 21.21 -16.50
CA GLU C 36 -7.95 20.74 -17.19
C GLU C 36 -8.00 21.03 -18.67
N GLU C 37 -9.17 20.78 -19.26
CA GLU C 37 -9.28 20.76 -20.71
C GLU C 37 -9.73 22.07 -21.34
N THR C 38 -10.37 22.95 -20.58
CA THR C 38 -10.91 24.17 -21.18
C THR C 38 -10.55 25.42 -20.40
N ALA C 39 -10.10 25.26 -19.16
CA ALA C 39 -9.80 26.41 -18.33
C ALA C 39 -8.67 26.10 -17.36
N PRO C 40 -7.47 25.85 -17.89
CA PRO C 40 -6.34 25.35 -17.11
C PRO C 40 -5.81 26.31 -16.04
N GLN C 41 -6.22 27.58 -16.06
CA GLN C 41 -5.73 28.51 -15.06
C GLN C 41 -6.82 29.02 -14.16
N VAL C 42 -8.02 28.48 -14.30
CA VAL C 42 -9.12 28.87 -13.44
C VAL C 42 -9.08 28.07 -12.16
N ARG C 43 -9.24 28.76 -11.05
CA ARG C 43 -9.13 28.14 -9.74
C ARG C 43 -10.50 28.08 -9.06
N VAL C 44 -10.79 26.97 -8.39
CA VAL C 44 -12.06 26.85 -7.70
C VAL C 44 -11.83 26.64 -6.22
N THR C 45 -12.40 27.55 -5.43
CA THR C 45 -12.31 27.54 -3.99
C THR C 45 -13.66 27.13 -3.39
N GLY C 46 -13.65 26.08 -2.58
CA GLY C 46 -14.81 25.73 -1.79
C GLY C 46 -14.80 26.44 -0.45
N VAL C 47 -15.91 27.07 -0.12
CA VAL C 47 -16.04 27.88 1.09
C VAL C 47 -17.10 27.29 1.99
N ASN C 48 -16.78 27.09 3.26
CA ASN C 48 -17.74 26.58 4.24
C ASN C 48 -18.89 27.52 4.53
N LEU C 49 -20.03 26.96 4.90
CA LEU C 49 -21.21 27.75 5.24
C LEU C 49 -21.02 28.49 6.55
N ARG C 50 -21.23 29.79 6.53
CA ARG C 50 -21.12 30.59 7.73
C ARG C 50 -22.50 30.83 8.35
N HIS C 51 -22.52 31.17 9.64
CA HIS C 51 -23.74 31.48 10.34
C HIS C 51 -24.43 32.71 9.74
N GLY C 52 -23.66 33.59 9.12
CA GLY C 52 -24.19 34.83 8.58
C GLY C 52 -25.23 34.66 7.50
N PRO C 53 -25.81 35.78 7.04
CA PRO C 53 -26.73 35.81 5.90
C PRO C 53 -26.03 35.46 4.59
N LEU C 54 -26.35 34.29 4.07
CA LEU C 54 -25.70 33.78 2.87
C LEU C 54 -25.99 34.71 1.68
N VAL C 55 -27.16 35.33 1.67
CA VAL C 55 -27.56 36.19 0.55
C VAL C 55 -26.66 37.41 0.41
N GLU C 56 -26.10 37.87 1.52
CA GLU C 56 -25.21 39.02 1.52
C GLU C 56 -23.92 38.68 0.79
N GLU C 57 -23.35 37.53 1.15
CA GLU C 57 -22.11 37.08 0.53
C GLU C 57 -22.28 36.89 -0.99
N LEU C 58 -23.44 36.41 -1.41
CA LEU C 58 -23.74 36.30 -2.83
C LEU C 58 -23.97 37.69 -3.44
N GLU C 59 -24.69 38.55 -2.71
CA GLU C 59 -24.96 39.91 -3.17
C GLU C 59 -23.68 40.70 -3.37
N SER C 60 -22.76 40.59 -2.40
CA SER C 60 -21.52 41.34 -2.45
C SER C 60 -20.56 40.80 -3.49
N GLY C 61 -20.81 39.58 -3.95
CA GLY C 61 -19.94 38.94 -4.90
C GLY C 61 -18.70 38.33 -4.27
N SER C 62 -18.71 38.20 -2.95
CA SER C 62 -17.60 37.53 -2.30
C SER C 62 -17.70 36.03 -2.62
N ILE C 63 -18.93 35.54 -2.62
CA ILE C 63 -19.26 34.20 -3.09
C ILE C 63 -19.86 34.27 -4.49
N ASP C 64 -19.39 33.44 -5.42
CA ASP C 64 -19.94 33.43 -6.77
C ASP C 64 -21.20 32.59 -6.86
N ILE C 65 -21.10 31.35 -6.38
CA ILE C 65 -22.22 30.43 -6.44
C ILE C 65 -22.33 29.70 -5.12
N ALA C 66 -23.54 29.55 -4.62
CA ALA C 66 -23.80 28.66 -3.50
C ALA C 66 -24.43 27.39 -4.04
N PHE C 67 -23.95 26.25 -3.52
CA PHE C 67 -24.39 24.95 -3.98
C PHE C 67 -24.94 24.13 -2.81
N GLY C 68 -26.20 23.72 -2.92
CA GLY C 68 -26.83 22.92 -1.89
C GLY C 68 -28.30 23.24 -1.75
N GLY C 69 -28.75 23.33 -0.51
CA GLY C 69 -30.17 23.49 -0.22
C GLY C 69 -30.36 24.54 0.84
N PHE C 70 -30.85 25.71 0.44
CA PHE C 70 -30.96 26.86 1.32
C PHE C 70 -32.35 27.51 1.21
N PRO C 71 -33.35 26.91 1.88
CA PRO C 71 -34.75 27.33 1.76
C PRO C 71 -35.05 28.76 2.24
N THR C 72 -34.08 29.46 2.80
CA THR C 72 -34.27 30.85 3.20
C THR C 72 -33.78 31.84 2.13
N LEU C 73 -33.06 31.33 1.13
CA LEU C 73 -32.64 32.15 0.02
C LEU C 73 -33.78 32.34 -0.98
N SER C 74 -34.17 33.58 -1.21
CA SER C 74 -35.24 33.84 -2.18
C SER C 74 -35.09 35.18 -2.89
N ALA C 75 -35.26 36.28 -2.16
CA ALA C 75 -35.24 37.62 -2.74
C ALA C 75 -33.87 37.98 -3.33
N GLY C 76 -33.86 38.42 -4.58
CA GLY C 76 -32.64 38.78 -5.26
C GLY C 76 -31.82 37.60 -5.73
N ILE C 77 -32.29 36.40 -5.37
CA ILE C 77 -31.58 35.17 -5.69
C ILE C 77 -32.25 34.38 -6.78
N LYS C 78 -31.49 34.06 -7.82
CA LYS C 78 -31.97 33.15 -8.84
C LYS C 78 -31.46 31.72 -8.57
N THR C 79 -32.23 30.72 -8.99
CA THR C 79 -31.87 29.33 -8.73
C THR C 79 -32.08 28.42 -9.92
N GLN C 80 -31.33 27.31 -9.90
CA GLN C 80 -31.53 26.20 -10.81
C GLN C 80 -31.46 24.89 -10.02
N THR C 81 -32.51 24.08 -10.12
CA THR C 81 -32.59 22.86 -9.35
C THR C 81 -31.90 21.71 -10.08
N LEU C 82 -30.83 21.20 -9.50
CA LEU C 82 -29.94 20.27 -10.20
C LEU C 82 -30.33 18.81 -10.01
N PHE C 83 -30.65 18.41 -8.79
CA PHE C 83 -31.10 17.05 -8.57
C PHE C 83 -31.84 16.90 -7.26
N ARG C 84 -32.43 15.72 -7.09
CA ARG C 84 -33.09 15.36 -5.86
C ARG C 84 -32.28 14.31 -5.09
N GLU C 85 -32.37 14.39 -3.77
CA GLU C 85 -31.68 13.48 -2.89
C GLU C 85 -32.64 12.90 -1.85
N GLU C 86 -32.27 11.77 -1.28
CA GLU C 86 -33.03 11.12 -0.22
C GLU C 86 -32.10 10.65 0.89
N TYR C 87 -32.65 10.47 2.08
CA TYR C 87 -31.83 10.04 3.20
C TYR C 87 -31.80 8.54 3.48
N VAL C 88 -30.66 8.09 3.99
CA VAL C 88 -30.50 6.72 4.48
C VAL C 88 -29.73 6.75 5.78
N CYS C 89 -29.53 5.57 6.35
CA CYS C 89 -28.77 5.37 7.56
C CYS C 89 -27.54 4.56 7.25
N VAL C 90 -26.45 4.83 7.98
CA VAL C 90 -25.26 3.98 7.93
C VAL C 90 -24.81 3.59 9.31
N MET C 91 -24.21 2.41 9.41
CA MET C 91 -23.52 1.90 10.58
C MET C 91 -22.38 1.01 10.08
N ARG C 92 -21.31 0.87 10.87
CA ARG C 92 -20.19 0.01 10.47
C ARG C 92 -20.60 -1.46 10.54
N GLN C 93 -19.91 -2.27 9.73
CA GLN C 93 -20.12 -3.70 9.71
C GLN C 93 -20.07 -4.35 11.09
N SER C 94 -19.28 -3.82 12.01
CA SER C 94 -19.13 -4.45 13.32
C SER C 94 -20.13 -3.96 14.35
N HIS C 95 -21.13 -3.21 13.91
CA HIS C 95 -22.16 -2.70 14.81
C HIS C 95 -23.15 -3.82 15.15
N PRO C 96 -23.50 -3.97 16.44
CA PRO C 96 -24.40 -5.02 16.94
C PRO C 96 -25.80 -4.99 16.31
N ALA C 97 -26.30 -3.82 15.98
CA ALA C 97 -27.64 -3.68 15.42
C ALA C 97 -27.74 -4.23 14.01
N LEU C 98 -26.61 -4.64 13.45
CA LEU C 98 -26.60 -4.98 12.04
C LEU C 98 -27.44 -6.21 11.70
N THR C 99 -27.43 -7.18 12.61
CA THR C 99 -28.05 -8.47 12.34
C THR C 99 -29.58 -8.44 12.39
N HIS C 100 -30.15 -8.04 13.52
CA HIS C 100 -31.59 -8.04 13.67
C HIS C 100 -32.26 -6.92 12.88
N GLY C 101 -31.54 -5.84 12.64
CA GLY C 101 -32.04 -4.80 11.76
C GLY C 101 -32.26 -3.45 12.41
N LEU C 102 -32.72 -2.50 11.63
CA LEU C 102 -32.91 -1.15 12.13
C LEU C 102 -34.39 -0.74 12.20
N ASP C 103 -35.20 -1.49 12.95
CA ASP C 103 -36.57 -1.07 13.23
C ASP C 103 -36.51 0.18 14.07
N LEU C 104 -37.61 0.94 14.12
CA LEU C 104 -37.58 2.23 14.80
C LEU C 104 -37.12 2.15 16.25
N GLU C 105 -37.56 1.13 16.96
CA GLU C 105 -37.24 1.00 18.37
C GLU C 105 -35.73 0.73 18.58
N ALA C 106 -35.17 -0.19 17.82
CA ALA C 106 -33.73 -0.47 17.86
C ALA C 106 -32.92 0.75 17.44
N PHE C 107 -33.43 1.45 16.42
CA PHE C 107 -32.86 2.71 15.98
C PHE C 107 -32.74 3.70 17.14
N ARG C 108 -33.82 3.85 17.90
CA ARG C 108 -33.85 4.85 18.97
C ARG C 108 -32.91 4.52 20.12
N GLN C 109 -32.67 3.24 20.40
CA GLN C 109 -31.78 2.94 21.50
C GLN C 109 -30.32 2.86 21.10
N CYS C 110 -30.03 3.05 19.81
CA CYS C 110 -28.65 3.12 19.35
C CYS C 110 -28.07 4.48 19.75
N ARG C 111 -26.75 4.58 19.73
CA ARG C 111 -26.11 5.88 19.85
C ARG C 111 -25.99 6.52 18.47
N HIS C 112 -26.06 7.85 18.43
CA HIS C 112 -26.07 8.55 17.15
C HIS C 112 -25.02 9.64 17.04
N ILE C 113 -24.54 9.83 15.83
CA ILE C 113 -23.90 11.08 15.50
C ILE C 113 -24.84 11.84 14.57
N ILE C 114 -25.14 13.09 14.93
CA ILE C 114 -26.02 13.95 14.16
C ILE C 114 -25.21 15.02 13.45
N VAL C 115 -25.45 15.22 12.17
CA VAL C 115 -24.91 16.42 11.58
C VAL C 115 -25.87 17.57 11.86
N THR C 116 -25.35 18.65 12.42
CA THR C 116 -26.19 19.78 12.76
C THR C 116 -26.13 20.84 11.68
N ALA C 117 -27.26 21.49 11.46
CA ALA C 117 -27.42 22.40 10.34
C ALA C 117 -28.08 23.72 10.73
N HIS C 118 -28.83 23.73 11.82
CA HIS C 118 -29.72 24.85 12.08
C HIS C 118 -28.91 26.16 12.19
N GLU C 119 -27.70 26.09 12.73
CA GLU C 119 -26.83 27.26 12.76
C GLU C 119 -26.53 27.78 11.36
N PHE C 120 -26.56 26.87 10.39
CA PHE C 120 -26.15 27.20 9.02
C PHE C 120 -27.31 27.43 8.08
N ASN C 121 -28.53 27.32 8.58
CA ASN C 121 -29.73 27.53 7.77
C ASN C 121 -29.76 26.78 6.44
N HIS C 122 -29.29 25.54 6.40
CA HIS C 122 -29.38 24.77 5.16
C HIS C 122 -30.32 23.58 5.30
N VAL C 123 -30.56 22.91 4.18
CA VAL C 123 -31.69 22.02 4.06
C VAL C 123 -31.67 20.83 4.99
N HIS C 124 -30.48 20.45 5.45
CA HIS C 124 -30.38 19.28 6.29
C HIS C 124 -31.14 19.50 7.60
N GLU C 125 -31.42 20.75 7.93
CA GLU C 125 -32.04 21.08 9.21
C GLU C 125 -33.42 20.46 9.36
N GLN C 126 -34.11 20.26 8.25
CA GLN C 126 -35.38 19.56 8.29
C GLN C 126 -35.18 18.16 8.86
N VAL C 127 -34.26 17.41 8.27
CA VAL C 127 -33.99 16.07 8.76
C VAL C 127 -33.47 16.12 10.20
N GLU C 128 -32.67 17.13 10.51
CA GLU C 128 -32.14 17.26 11.85
C GLU C 128 -33.28 17.40 12.87
N ALA C 129 -34.23 18.29 12.58
CA ALA C 129 -35.41 18.49 13.43
C ALA C 129 -36.16 17.17 13.64
N ARG C 130 -36.43 16.46 12.56
CA ARG C 130 -37.11 15.16 12.67
C ARG C 130 -36.34 14.15 13.57
N LEU C 131 -35.02 14.11 13.47
CA LEU C 131 -34.26 13.20 14.32
C LEU C 131 -34.34 13.67 15.77
N LEU C 132 -34.17 14.97 15.98
CA LEU C 132 -34.17 15.50 17.33
C LEU C 132 -35.52 15.24 18.03
N GLU C 133 -36.62 15.23 17.29
CA GLU C 133 -37.90 14.98 17.93
C GLU C 133 -38.16 13.50 18.21
N LEU C 134 -37.52 12.60 17.48
CA LEU C 134 -37.74 11.17 17.72
C LEU C 134 -36.79 10.55 18.73
N LEU C 135 -35.56 11.06 18.79
CA LEU C 135 -34.54 10.38 19.55
C LEU C 135 -34.46 10.89 20.97
N PRO C 136 -34.24 9.97 21.92
CA PRO C 136 -33.93 10.37 23.29
C PRO C 136 -32.66 11.17 23.30
N PRO C 137 -32.58 12.20 24.15
CA PRO C 137 -31.40 13.05 24.25
C PRO C 137 -30.15 12.21 24.52
N GLU C 138 -30.33 11.19 25.34
CA GLU C 138 -29.22 10.33 25.72
C GLU C 138 -28.75 9.48 24.54
N SER C 139 -29.54 9.43 23.48
CA SER C 139 -29.21 8.67 22.29
C SER C 139 -28.20 9.38 21.40
N ILE C 140 -28.05 10.68 21.59
CA ILE C 140 -27.20 11.48 20.73
C ILE C 140 -25.83 11.69 21.37
N ARG C 141 -24.84 10.91 20.94
CA ARG C 141 -23.51 10.94 21.52
C ARG C 141 -22.66 12.09 20.98
N PHE C 142 -22.68 12.29 19.66
CA PHE C 142 -21.85 13.27 19.00
C PHE C 142 -22.64 14.21 18.11
N THR C 143 -22.09 15.38 17.89
CA THR C 143 -22.63 16.29 16.91
C THR C 143 -21.49 16.99 16.20
N THR C 144 -21.69 17.28 14.93
CA THR C 144 -20.69 17.96 14.13
C THR C 144 -21.41 18.74 13.03
N GLU C 145 -20.79 19.75 12.47
CA GLU C 145 -21.34 20.44 11.31
C GLU C 145 -20.81 19.87 9.97
N ASN C 146 -19.89 18.91 10.03
CA ASN C 146 -19.32 18.34 8.82
C ASN C 146 -19.82 16.94 8.51
N PHE C 147 -20.39 16.78 7.32
CA PHE C 147 -20.81 15.46 6.86
C PHE C 147 -19.65 14.44 6.79
N LEU C 148 -18.49 14.85 6.29
CA LEU C 148 -17.39 13.89 6.13
C LEU C 148 -16.85 13.46 7.48
N VAL C 149 -16.78 14.42 8.41
CA VAL C 149 -16.41 14.12 9.76
C VAL C 149 -17.36 13.06 10.36
N SER C 150 -18.66 13.26 10.17
CA SER C 150 -19.62 12.33 10.76
C SER C 150 -19.45 10.93 10.16
N ALA C 151 -19.25 10.85 8.85
CA ALA C 151 -19.12 9.55 8.19
C ALA C 151 -17.88 8.79 8.69
N VAL C 152 -16.81 9.53 8.82
CA VAL C 152 -15.55 9.04 9.31
C VAL C 152 -15.68 8.53 10.75
N ILE C 153 -16.48 9.22 11.57
CA ILE C 153 -16.70 8.76 12.94
C ILE C 153 -17.57 7.49 12.98
N ALA C 154 -18.50 7.36 12.05
CA ALA C 154 -19.37 6.21 12.01
C ALA C 154 -18.60 4.98 11.55
N GLU C 155 -17.60 5.18 10.69
CA GLU C 155 -16.70 4.08 10.31
C GLU C 155 -15.92 3.51 11.48
N GLU C 156 -15.56 4.37 12.42
CA GLU C 156 -14.64 4.03 13.50
C GLU C 156 -15.28 3.63 14.85
N THR C 157 -16.57 3.91 15.02
CA THR C 157 -17.26 3.72 16.30
C THR C 157 -18.67 3.20 16.04
N ASP C 158 -19.38 2.77 17.07
CA ASP C 158 -20.72 2.21 16.88
C ASP C 158 -21.84 3.25 16.92
N VAL C 159 -21.78 4.25 16.05
CA VAL C 159 -22.81 5.27 16.02
C VAL C 159 -23.59 5.24 14.71
N ILE C 160 -24.90 5.46 14.80
CA ILE C 160 -25.77 5.52 13.64
C ILE C 160 -25.73 6.90 13.04
N LEU C 161 -25.63 6.95 11.72
CA LEU C 161 -25.53 8.21 11.02
C LEU C 161 -26.60 8.27 9.94
N THR C 162 -27.33 9.37 9.91
CA THR C 162 -28.45 9.54 8.96
C THR C 162 -28.09 10.62 7.97
N ILE C 163 -27.97 10.26 6.70
CA ILE C 163 -27.34 11.14 5.73
C ILE C 163 -27.92 10.97 4.35
N PRO C 164 -27.62 11.93 3.48
CA PRO C 164 -27.95 11.82 2.05
C PRO C 164 -27.34 10.55 1.46
N SER C 165 -28.11 9.89 0.61
CA SER C 165 -27.73 8.59 0.09
C SER C 165 -26.48 8.60 -0.78
N ARG C 166 -26.21 9.68 -1.49
CA ARG C 166 -25.01 9.70 -2.32
C ARG C 166 -23.72 9.76 -1.48
N LEU C 167 -23.77 10.49 -0.37
CA LEU C 167 -22.66 10.51 0.59
C LEU C 167 -22.45 9.11 1.15
N ALA C 168 -23.55 8.47 1.53
CA ALA C 168 -23.56 7.14 2.10
C ALA C 168 -22.97 6.08 1.15
N ARG C 169 -23.43 6.07 -0.10
CA ARG C 169 -22.93 5.11 -1.07
C ARG C 169 -21.42 5.27 -1.33
N TRP C 170 -20.94 6.51 -1.44
CA TRP C 170 -19.53 6.75 -1.71
C TRP C 170 -18.64 6.10 -0.62
N PHE C 171 -19.00 6.29 0.64
CA PHE C 171 -18.32 5.64 1.74
C PHE C 171 -18.58 4.13 1.84
N ALA C 172 -19.82 3.71 1.72
CA ALA C 172 -20.16 2.29 1.77
C ALA C 172 -19.34 1.50 0.75
N ASN C 173 -19.03 2.14 -0.37
CA ASN C 173 -18.26 1.50 -1.41
C ASN C 173 -16.79 1.37 -1.06
N ARG C 174 -16.37 2.10 -0.03
CA ARG C 174 -14.95 2.23 0.28
C ARG C 174 -14.60 1.82 1.71
N GLY C 175 -15.57 1.33 2.46
CA GLY C 175 -15.37 1.11 3.88
C GLY C 175 -16.26 0.08 4.52
N GLY C 176 -16.20 0.04 5.84
CA GLY C 176 -17.01 -0.89 6.60
C GLY C 176 -18.45 -0.45 6.76
N LEU C 177 -18.80 0.74 6.27
CA LEU C 177 -20.16 1.24 6.43
C LEU C 177 -21.16 0.46 5.60
N THR C 178 -22.34 0.26 6.19
CA THR C 178 -23.43 -0.46 5.55
C THR C 178 -24.67 0.43 5.52
N ILE C 179 -25.36 0.45 4.40
CA ILE C 179 -26.52 1.31 4.25
C ILE C 179 -27.81 0.60 4.69
N PHE C 180 -28.60 1.28 5.49
CA PHE C 180 -29.96 0.87 5.87
C PHE C 180 -30.95 1.97 5.53
N PRO C 181 -32.21 1.61 5.23
CA PRO C 181 -33.22 2.67 5.12
C PRO C 181 -33.48 3.30 6.48
N VAL C 182 -33.79 4.57 6.51
CA VAL C 182 -34.16 5.21 7.77
C VAL C 182 -35.62 4.85 8.11
N PRO C 183 -35.86 4.39 9.34
CA PRO C 183 -37.19 3.97 9.82
C PRO C 183 -38.03 5.16 10.25
N ILE C 184 -38.02 6.19 9.40
CA ILE C 184 -38.64 7.46 9.69
C ILE C 184 -39.11 8.03 8.39
N GLU C 185 -40.29 8.63 8.38
CA GLU C 185 -40.75 9.32 7.18
C GLU C 185 -39.97 10.61 7.01
N LEU C 186 -39.30 10.74 5.89
CA LEU C 186 -38.45 11.88 5.65
C LEU C 186 -38.68 12.44 4.25
N PRO C 187 -38.64 13.77 4.13
CA PRO C 187 -38.85 14.41 2.85
C PRO C 187 -37.67 14.19 1.90
N SER C 188 -37.94 14.28 0.60
CA SER C 188 -36.91 14.38 -0.41
C SER C 188 -36.24 15.73 -0.28
N ILE C 189 -35.08 15.87 -0.90
CA ILE C 189 -34.30 17.10 -0.85
C ILE C 189 -34.04 17.63 -2.23
N GLU C 190 -34.19 18.94 -2.41
CA GLU C 190 -33.87 19.55 -3.69
C GLU C 190 -32.51 20.20 -3.61
N VAL C 191 -31.62 19.83 -4.52
CA VAL C 191 -30.30 20.42 -4.49
C VAL C 191 -30.15 21.38 -5.66
N LYS C 192 -29.71 22.58 -5.35
CA LYS C 192 -29.67 23.62 -6.35
C LYS C 192 -28.34 24.35 -6.35
N GLN C 193 -28.11 25.10 -7.41
CA GLN C 193 -27.11 26.15 -7.38
C GLN C 193 -27.83 27.50 -7.35
N TYR C 194 -27.32 28.39 -6.51
CA TYR C 194 -27.89 29.70 -6.32
C TYR C 194 -26.90 30.76 -6.75
N TRP C 195 -27.41 31.80 -7.40
CA TRP C 195 -26.61 32.97 -7.73
C TRP C 195 -27.48 34.22 -7.62
N HIS C 196 -26.85 35.33 -7.25
CA HIS C 196 -27.57 36.57 -7.05
C HIS C 196 -27.87 37.23 -8.38
N GLU C 197 -29.05 37.86 -8.47
CA GLU C 197 -29.48 38.53 -9.70
C GLU C 197 -28.43 39.51 -10.19
N ARG C 198 -27.74 40.16 -9.25
CA ARG C 198 -26.69 41.11 -9.57
C ARG C 198 -25.62 40.55 -10.51
N TYR C 199 -25.46 39.23 -10.54
CA TYR C 199 -24.43 38.62 -11.38
C TYR C 199 -25.01 37.67 -12.43
N ASP C 200 -26.32 37.74 -12.61
CA ASP C 200 -27.03 36.97 -13.65
C ASP C 200 -26.37 37.11 -15.01
N LYS C 201 -25.76 38.26 -15.27
CA LYS C 201 -25.22 38.53 -16.60
C LYS C 201 -23.69 38.53 -16.64
N ASP C 202 -23.04 38.32 -15.50
CA ASP C 202 -21.59 38.22 -15.51
C ASP C 202 -21.18 37.00 -16.33
N PRO C 203 -20.35 37.19 -17.36
CA PRO C 203 -19.99 36.09 -18.25
C PRO C 203 -19.17 34.99 -17.56
N GLY C 204 -18.33 35.34 -16.60
CA GLY C 204 -17.64 34.34 -15.80
C GLY C 204 -18.61 33.46 -15.02
N ASN C 205 -19.49 34.11 -14.27
CA ASN C 205 -20.57 33.43 -13.57
C ASN C 205 -21.44 32.57 -14.49
N ILE C 206 -21.76 33.11 -15.66
CA ILE C 206 -22.57 32.39 -16.63
C ILE C 206 -21.87 31.12 -17.07
N TRP C 207 -20.58 31.22 -17.32
CA TRP C 207 -19.78 30.07 -17.72
C TRP C 207 -19.79 28.97 -16.66
N LEU C 208 -19.59 29.34 -15.40
CA LEU C 208 -19.48 28.36 -14.32
C LEU C 208 -20.82 27.66 -14.07
N ARG C 209 -21.90 28.44 -13.98
CA ARG C 209 -23.25 27.90 -13.80
C ARG C 209 -23.60 26.89 -14.89
N ARG C 210 -23.22 27.19 -16.12
CA ARG C 210 -23.55 26.31 -17.23
C ARG C 210 -22.72 25.04 -17.18
N VAL C 211 -21.44 25.19 -16.80
CA VAL C 211 -20.60 24.04 -16.57
C VAL C 211 -21.25 23.18 -15.50
N ILE C 212 -21.74 23.84 -14.46
CA ILE C 212 -22.35 23.11 -13.36
C ILE C 212 -23.60 22.39 -13.86
N ALA C 213 -24.39 23.04 -14.69
CA ALA C 213 -25.60 22.44 -15.24
C ALA C 213 -25.28 21.23 -16.12
N LYS C 214 -24.06 21.13 -16.63
CA LYS C 214 -23.72 20.01 -17.50
C LYS C 214 -23.16 18.80 -16.73
N ILE C 215 -22.92 18.97 -15.45
CA ILE C 215 -22.37 17.90 -14.62
C ILE C 215 -23.39 16.79 -14.39
N GLY C 216 -22.97 15.56 -14.59
CA GLY C 216 -23.81 14.44 -14.25
C GLY C 216 -23.49 14.04 -12.83
N PHE C 217 -24.25 14.56 -11.88
CA PHE C 217 -24.03 14.19 -10.50
C PHE C 217 -24.37 12.72 -10.21
N GLN C 218 -25.06 12.04 -11.13
CA GLN C 218 -25.35 10.62 -10.93
C GLN C 218 -24.18 9.74 -11.39
N ASN C 219 -23.19 10.34 -12.04
CA ASN C 219 -22.02 9.62 -12.51
C ASN C 219 -20.76 9.99 -11.72
N PRO C 220 -19.74 9.14 -11.78
CA PRO C 220 -18.43 9.46 -11.19
C PRO C 220 -17.81 10.67 -11.88
N PRO C 221 -16.91 11.38 -11.19
CA PRO C 221 -16.23 12.48 -11.88
C PRO C 221 -15.61 11.99 -13.18
N ALA C 222 -15.61 12.83 -14.19
CA ALA C 222 -15.20 12.40 -15.51
C ALA C 222 -13.68 12.38 -15.60
N GLU C 223 -13.15 11.59 -16.54
CA GLU C 223 -11.73 11.60 -16.88
C GLU C 223 -10.85 11.27 -15.69
N ARG D 5 -20.66 20.93 40.85
CA ARG D 5 -20.10 19.59 40.87
C ARG D 5 -20.43 18.85 39.57
N PHE D 6 -19.57 17.90 39.22
CA PHE D 6 -19.74 17.15 38.00
C PHE D 6 -19.48 15.67 38.25
N ASP D 7 -20.46 14.84 37.91
CA ASP D 7 -20.30 13.40 38.00
C ASP D 7 -20.56 12.79 36.63
N PRO D 8 -19.50 12.26 35.99
CA PRO D 8 -19.56 11.71 34.64
C PRO D 8 -20.63 10.65 34.49
N GLY D 9 -20.79 9.82 35.51
CA GLY D 9 -21.72 8.69 35.43
C GLY D 9 -23.17 9.11 35.25
N THR D 10 -23.50 10.33 35.65
CA THR D 10 -24.89 10.78 35.65
C THR D 10 -25.13 12.02 34.78
N SER D 11 -24.07 12.76 34.52
CA SER D 11 -24.18 14.02 33.78
C SER D 11 -24.78 13.88 32.38
N ASN D 12 -25.40 14.94 31.90
CA ASN D 12 -25.79 15.01 30.50
C ASN D 12 -25.30 16.30 29.90
N ARG D 13 -24.18 16.78 30.43
CA ARG D 13 -23.56 17.97 29.90
C ARG D 13 -23.10 17.75 28.46
N ASN D 14 -23.15 18.81 27.67
CA ASN D 14 -22.73 18.79 26.28
C ASN D 14 -21.46 19.57 26.17
N PHE D 15 -20.35 18.86 26.03
CA PHE D 15 -19.08 19.52 25.88
C PHE D 15 -18.88 19.93 24.42
N ARG D 16 -18.37 21.13 24.23
CA ARG D 16 -18.07 21.64 22.92
C ARG D 16 -16.57 21.78 22.72
N ILE D 17 -16.08 21.19 21.65
CA ILE D 17 -14.66 21.20 21.33
C ILE D 17 -14.42 21.88 20.00
N ALA D 18 -13.68 22.98 20.02
CA ALA D 18 -13.30 23.66 18.79
C ALA D 18 -12.10 22.93 18.17
N ALA D 19 -12.25 22.57 16.89
CA ALA D 19 -11.23 21.86 16.15
C ALA D 19 -11.57 21.92 14.68
N SER D 20 -10.53 21.82 13.86
CA SER D 20 -10.61 21.65 12.43
C SER D 20 -11.36 20.36 12.14
N ASP D 21 -11.77 20.16 10.90
CA ASP D 21 -12.50 18.94 10.61
C ASP D 21 -11.61 17.72 10.85
N PHE D 22 -10.30 17.84 10.56
CA PHE D 22 -9.32 16.80 10.84
C PHE D 22 -9.21 16.48 12.34
N GLY D 23 -9.01 17.51 13.16
CA GLY D 23 -8.99 17.36 14.61
C GLY D 23 -10.25 16.73 15.20
N GLN D 24 -11.41 17.08 14.65
CA GLN D 24 -12.66 16.49 15.10
C GLN D 24 -12.67 14.97 14.81
N ALA D 25 -12.22 14.59 13.63
CA ALA D 25 -12.17 13.18 13.26
C ALA D 25 -11.16 12.39 14.11
N LEU D 26 -10.06 13.02 14.50
CA LEU D 26 -9.07 12.41 15.39
C LEU D 26 -9.62 12.19 16.79
N MET D 27 -10.36 13.20 17.25
CA MET D 27 -10.71 13.30 18.64
C MET D 27 -11.94 12.49 18.99
N LEU D 28 -13.06 12.80 18.35
CA LEU D 28 -14.34 12.23 18.75
C LEU D 28 -14.39 10.70 18.80
N PRO D 29 -13.86 10.00 17.78
CA PRO D 29 -13.83 8.54 17.84
C PRO D 29 -13.04 8.00 19.04
N ARG D 30 -12.02 8.73 19.47
CA ARG D 30 -11.20 8.27 20.58
C ARG D 30 -11.81 8.60 21.94
N LEU D 31 -12.93 9.31 21.94
CA LEU D 31 -13.69 9.57 23.15
C LEU D 31 -14.82 8.58 23.36
N TYR D 32 -15.15 7.82 22.31
CA TYR D 32 -16.35 7.01 22.33
C TYR D 32 -16.42 6.00 23.48
N ALA D 33 -15.42 5.13 23.58
CA ALA D 33 -15.46 4.07 24.58
C ALA D 33 -15.57 4.66 25.98
N THR D 34 -14.81 5.70 26.24
CA THR D 34 -14.90 6.42 27.51
C THR D 34 -16.33 6.90 27.78
N LEU D 35 -16.99 7.46 26.78
CA LEU D 35 -18.33 7.99 26.96
C LEU D 35 -19.29 6.85 27.26
N GLU D 36 -19.16 5.77 26.49
CA GLU D 36 -20.02 4.62 26.65
C GLU D 36 -19.88 3.99 28.04
N GLU D 37 -18.64 3.76 28.45
CA GLU D 37 -18.34 3.04 29.66
C GLU D 37 -18.53 3.86 30.94
N THR D 38 -18.33 5.17 30.87
CA THR D 38 -18.25 5.94 32.11
C THR D 38 -19.05 7.23 32.15
N ALA D 39 -19.65 7.61 31.04
CA ALA D 39 -20.34 8.90 30.97
C ALA D 39 -21.42 8.88 29.90
N PRO D 40 -22.35 7.92 30.02
CA PRO D 40 -23.21 7.50 28.92
C PRO D 40 -24.24 8.51 28.46
N GLN D 41 -24.39 9.62 29.16
CA GLN D 41 -25.31 10.65 28.73
C GLN D 41 -24.60 11.96 28.46
N VAL D 42 -23.27 11.92 28.53
CA VAL D 42 -22.46 13.06 28.16
C VAL D 42 -22.35 13.10 26.64
N ARG D 43 -22.50 14.30 26.10
CA ARG D 43 -22.46 14.52 24.67
C ARG D 43 -21.21 15.32 24.31
N VAL D 44 -20.69 15.09 23.11
CA VAL D 44 -19.55 15.86 22.67
C VAL D 44 -19.84 16.45 21.30
N THR D 45 -19.62 17.73 21.18
CA THR D 45 -19.91 18.43 19.96
C THR D 45 -18.65 18.99 19.36
N GLY D 46 -18.40 18.62 18.11
CA GLY D 46 -17.32 19.20 17.35
C GLY D 46 -17.75 20.50 16.68
N VAL D 47 -17.04 21.57 16.98
CA VAL D 47 -17.35 22.90 16.45
C VAL D 47 -16.25 23.39 15.51
N ASN D 48 -16.64 23.74 14.30
CA ASN D 48 -15.72 24.33 13.32
C ASN D 48 -15.07 25.62 13.80
N LEU D 49 -13.92 25.91 13.23
CA LEU D 49 -13.19 27.12 13.57
C LEU D 49 -13.81 28.30 12.84
N ARG D 50 -13.80 29.46 13.50
CA ARG D 50 -14.30 30.68 12.87
C ARG D 50 -13.18 31.70 12.77
N HIS D 51 -13.49 32.88 12.22
CA HIS D 51 -12.49 33.93 12.06
C HIS D 51 -12.31 34.73 13.36
N GLY D 52 -13.38 34.86 14.14
CA GLY D 52 -13.31 35.57 15.41
C GLY D 52 -12.25 35.06 16.37
N PRO D 53 -12.00 35.82 17.44
CA PRO D 53 -11.02 35.50 18.49
C PRO D 53 -11.44 34.29 19.31
N LEU D 54 -10.75 33.17 19.10
CA LEU D 54 -11.12 31.92 19.77
C LEU D 54 -11.03 32.08 21.27
N VAL D 55 -10.16 32.99 21.71
CA VAL D 55 -9.94 33.20 23.13
C VAL D 55 -11.23 33.66 23.82
N GLU D 56 -12.10 34.34 23.09
CA GLU D 56 -13.34 34.85 23.65
C GLU D 56 -14.37 33.72 23.77
N GLU D 57 -14.32 32.80 22.81
CA GLU D 57 -15.18 31.63 22.85
C GLU D 57 -14.88 30.81 24.09
N LEU D 58 -13.60 30.72 24.42
CA LEU D 58 -13.16 29.93 25.57
C LEU D 58 -13.49 30.65 26.88
N GLU D 59 -13.28 31.95 26.90
CA GLU D 59 -13.60 32.78 28.06
C GLU D 59 -15.09 32.72 28.41
N SER D 60 -15.94 32.88 27.41
CA SER D 60 -17.37 32.95 27.67
C SER D 60 -17.96 31.58 27.96
N GLY D 61 -17.16 30.53 27.76
CA GLY D 61 -17.62 29.18 28.00
C GLY D 61 -18.49 28.58 26.91
N SER D 62 -18.54 29.20 25.74
CA SER D 62 -19.33 28.61 24.65
C SER D 62 -18.50 27.53 23.93
N ILE D 63 -17.20 27.50 24.23
CA ILE D 63 -16.29 26.41 23.85
C ILE D 63 -15.56 25.95 25.12
N ASP D 64 -15.57 24.65 25.40
CA ASP D 64 -14.94 24.12 26.60
C ASP D 64 -13.44 23.91 26.40
N ILE D 65 -13.09 23.32 25.26
CA ILE D 65 -11.72 22.98 24.90
C ILE D 65 -11.47 23.29 23.43
N ALA D 66 -10.34 23.92 23.13
CA ALA D 66 -9.85 24.01 21.77
C ALA D 66 -8.78 22.93 21.54
N PHE D 67 -8.84 22.26 20.41
CA PHE D 67 -7.90 21.19 20.08
C PHE D 67 -7.33 21.43 18.70
N GLY D 68 -6.01 21.48 18.66
CA GLY D 68 -5.28 21.71 17.43
C GLY D 68 -4.05 22.56 17.69
N GLY D 69 -3.70 23.39 16.73
CA GLY D 69 -2.57 24.29 16.87
C GLY D 69 -3.03 25.72 16.65
N PHE D 70 -3.07 26.48 17.74
CA PHE D 70 -3.51 27.86 17.67
C PHE D 70 -2.48 28.82 18.27
N PRO D 71 -1.55 29.30 17.43
CA PRO D 71 -0.46 30.18 17.86
C PRO D 71 -0.92 31.41 18.63
N THR D 72 -2.04 32.02 18.24
CA THR D 72 -2.46 33.28 18.84
C THR D 72 -2.95 33.14 20.27
N LEU D 73 -3.41 31.94 20.64
CA LEU D 73 -3.88 31.71 22.00
C LEU D 73 -2.70 31.79 22.95
N SER D 74 -2.88 32.48 24.07
CA SER D 74 -1.78 32.63 25.02
C SER D 74 -2.27 33.27 26.31
N ALA D 75 -2.66 34.54 26.21
CA ALA D 75 -3.12 35.29 27.37
C ALA D 75 -4.39 34.70 27.96
N GLY D 76 -4.30 34.24 29.20
CA GLY D 76 -5.46 33.72 29.91
C GLY D 76 -5.76 32.25 29.65
N ILE D 77 -4.92 31.60 28.87
CA ILE D 77 -5.23 30.24 28.44
C ILE D 77 -4.15 29.23 28.82
N LYS D 78 -4.60 28.11 29.36
CA LYS D 78 -3.73 27.04 29.74
C LYS D 78 -3.67 26.00 28.63
N THR D 79 -2.50 25.42 28.42
CA THR D 79 -2.31 24.42 27.40
C THR D 79 -1.74 23.13 27.93
N GLN D 80 -1.80 22.12 27.08
CA GLN D 80 -1.11 20.87 27.30
C GLN D 80 -0.78 20.30 25.93
N THR D 81 0.50 20.14 25.64
CA THR D 81 0.95 19.69 24.33
C THR D 81 0.77 18.19 24.23
N LEU D 82 -0.06 17.77 23.28
CA LEU D 82 -0.46 16.39 23.19
C LEU D 82 0.42 15.55 22.26
N PHE D 83 0.81 16.12 21.14
CA PHE D 83 1.71 15.41 20.23
C PHE D 83 2.28 16.34 19.20
N ARG D 84 3.27 15.84 18.47
CA ARG D 84 3.90 16.63 17.43
C ARG D 84 3.55 15.99 16.08
N GLU D 85 3.55 16.79 15.02
CA GLU D 85 3.19 16.27 13.72
C GLU D 85 4.11 16.84 12.66
N GLU D 86 4.24 16.13 11.56
CA GLU D 86 4.96 16.63 10.40
C GLU D 86 4.14 16.41 9.14
N TYR D 87 4.50 17.14 8.08
CA TYR D 87 3.81 17.06 6.83
C TYR D 87 4.40 16.09 5.83
N VAL D 88 3.52 15.47 5.07
CA VAL D 88 3.89 14.69 3.91
C VAL D 88 3.03 15.15 2.74
N CYS D 89 3.26 14.53 1.58
CA CYS D 89 2.45 14.75 0.38
C CYS D 89 1.72 13.46 0.05
N VAL D 90 0.57 13.62 -0.60
CA VAL D 90 -0.20 12.49 -1.08
C VAL D 90 -0.67 12.72 -2.49
N MET D 91 -0.79 11.63 -3.24
CA MET D 91 -1.49 11.61 -4.51
C MET D 91 -2.21 10.28 -4.64
N ARG D 92 -3.15 10.21 -5.56
CA ARG D 92 -3.95 8.99 -5.72
C ARG D 92 -3.13 7.88 -6.35
N GLN D 93 -3.53 6.64 -6.07
CA GLN D 93 -2.83 5.44 -6.55
C GLN D 93 -2.64 5.41 -8.06
N SER D 94 -3.53 6.05 -8.81
CA SER D 94 -3.46 6.01 -10.27
C SER D 94 -2.87 7.30 -10.86
N HIS D 95 -2.35 8.17 -10.01
CA HIS D 95 -1.77 9.43 -10.49
C HIS D 95 -0.58 9.15 -11.45
N PRO D 96 -0.57 9.81 -12.63
CA PRO D 96 0.43 9.51 -13.66
C PRO D 96 1.85 9.96 -13.33
N ALA D 97 2.01 10.86 -12.37
CA ALA D 97 3.33 11.26 -11.90
C ALA D 97 4.09 10.09 -11.26
N LEU D 98 3.35 9.05 -10.89
CA LEU D 98 3.95 7.95 -10.16
C LEU D 98 4.85 7.09 -11.06
N THR D 99 4.68 7.20 -12.37
CA THR D 99 5.39 6.36 -13.30
C THR D 99 6.91 6.63 -13.31
N HIS D 100 7.31 7.91 -13.28
CA HIS D 100 8.73 8.25 -13.28
C HIS D 100 9.12 9.10 -12.08
N GLY D 101 8.15 9.38 -11.21
CA GLY D 101 8.44 10.17 -10.03
C GLY D 101 8.57 11.65 -10.34
N LEU D 102 8.90 12.43 -9.31
CA LEU D 102 8.92 13.88 -9.44
C LEU D 102 10.15 14.53 -8.80
N ASP D 103 10.89 15.31 -9.55
CA ASP D 103 11.87 16.20 -8.94
C ASP D 103 11.15 17.50 -8.61
N LEU D 104 11.86 18.48 -8.06
CA LEU D 104 11.20 19.66 -7.51
C LEU D 104 10.37 20.46 -8.51
N GLU D 105 10.92 20.75 -9.69
CA GLU D 105 10.17 21.54 -10.67
C GLU D 105 9.00 20.77 -11.24
N ALA D 106 9.12 19.45 -11.33
CA ALA D 106 8.02 18.64 -11.84
C ALA D 106 6.87 18.70 -10.84
N PHE D 107 7.22 18.74 -9.57
CA PHE D 107 6.31 18.92 -8.47
C PHE D 107 5.58 20.26 -8.59
N ARG D 108 6.34 21.32 -8.82
CA ARG D 108 5.82 22.67 -8.94
C ARG D 108 4.87 22.76 -10.13
N GLN D 109 5.03 21.86 -11.09
CA GLN D 109 4.31 21.94 -12.34
C GLN D 109 3.08 21.04 -12.36
N CYS D 110 2.97 20.18 -11.35
CA CYS D 110 1.75 19.42 -11.15
C CYS D 110 0.60 20.32 -10.67
N ARG D 111 -0.61 19.77 -10.65
CA ARG D 111 -1.74 20.47 -10.07
C ARG D 111 -1.82 20.19 -8.57
N HIS D 112 -2.16 21.21 -7.80
CA HIS D 112 -2.23 21.10 -6.37
C HIS D 112 -3.58 21.53 -5.82
N ILE D 113 -3.97 20.91 -4.72
CA ILE D 113 -5.09 21.37 -3.93
C ILE D 113 -4.53 21.76 -2.59
N ILE D 114 -4.90 22.94 -2.13
CA ILE D 114 -4.39 23.53 -0.90
C ILE D 114 -5.48 23.66 0.15
N VAL D 115 -5.21 23.23 1.37
CA VAL D 115 -6.06 23.62 2.48
C VAL D 115 -5.67 25.00 2.96
N THR D 116 -6.64 25.91 2.95
CA THR D 116 -6.38 27.27 3.38
C THR D 116 -6.70 27.40 4.85
N ALA D 117 -5.93 28.21 5.56
CA ALA D 117 -6.08 28.28 7.00
C ALA D 117 -6.02 29.69 7.58
N HIS D 118 -5.40 30.62 6.87
CA HIS D 118 -5.03 31.89 7.48
C HIS D 118 -6.24 32.64 8.07
N GLU D 119 -7.39 32.51 7.41
CA GLU D 119 -8.60 33.10 7.94
C GLU D 119 -9.00 32.54 9.29
N PHE D 120 -8.66 31.29 9.56
CA PHE D 120 -9.05 30.65 10.81
C PHE D 120 -7.93 30.65 11.83
N ASN D 121 -6.82 31.30 11.50
CA ASN D 121 -5.74 31.53 12.46
C ASN D 121 -5.20 30.25 13.11
N HIS D 122 -5.10 29.16 12.35
CA HIS D 122 -4.50 27.98 12.95
C HIS D 122 -3.20 27.62 12.26
N VAL D 123 -2.54 26.59 12.77
CA VAL D 123 -1.13 26.39 12.52
C VAL D 123 -0.82 26.03 11.06
N HIS D 124 -1.74 25.33 10.40
CA HIS D 124 -1.54 24.98 9.01
C HIS D 124 -1.26 26.21 8.14
N GLU D 125 -1.57 27.38 8.69
CA GLU D 125 -1.29 28.68 8.07
C GLU D 125 0.14 28.82 7.55
N GLN D 126 1.10 28.39 8.37
CA GLN D 126 2.50 28.44 8.01
C GLN D 126 2.79 27.62 6.76
N VAL D 127 2.20 26.44 6.69
CA VAL D 127 2.43 25.56 5.54
C VAL D 127 1.80 26.15 4.29
N GLU D 128 0.59 26.66 4.43
CA GLU D 128 -0.11 27.33 3.35
C GLU D 128 0.78 28.40 2.73
N ALA D 129 1.29 29.29 3.56
CA ALA D 129 2.15 30.38 3.11
C ALA D 129 3.36 29.87 2.34
N ARG D 130 4.00 28.84 2.85
CA ARG D 130 5.14 28.25 2.14
C ARG D 130 4.72 27.71 0.78
N LEU D 131 3.54 27.10 0.72
CA LEU D 131 3.11 26.50 -0.53
C LEU D 131 2.74 27.59 -1.53
N LEU D 132 2.15 28.67 -1.05
CA LEU D 132 1.79 29.76 -1.95
C LEU D 132 3.04 30.41 -2.53
N GLU D 133 4.08 30.52 -1.70
CA GLU D 133 5.36 31.03 -2.16
C GLU D 133 5.99 30.06 -3.17
N LEU D 134 6.06 28.79 -2.81
CA LEU D 134 6.70 27.79 -3.65
C LEU D 134 6.04 27.61 -5.01
N LEU D 135 4.72 27.48 -5.02
CA LEU D 135 4.01 27.05 -6.21
C LEU D 135 3.63 28.18 -7.16
N PRO D 136 3.82 27.95 -8.46
CA PRO D 136 3.24 28.84 -9.46
C PRO D 136 1.72 28.84 -9.34
N PRO D 137 1.10 30.03 -9.43
CA PRO D 137 -0.32 30.23 -9.14
C PRO D 137 -1.24 29.35 -9.98
N GLU D 138 -0.84 29.09 -11.20
CA GLU D 138 -1.63 28.30 -12.11
C GLU D 138 -1.55 26.82 -11.76
N SER D 139 -0.71 26.48 -10.79
CA SER D 139 -0.58 25.10 -10.36
C SER D 139 -1.58 24.78 -9.26
N ILE D 140 -2.11 25.82 -8.63
CA ILE D 140 -3.07 25.65 -7.56
C ILE D 140 -4.49 25.66 -8.14
N ARG D 141 -5.03 24.47 -8.37
CA ARG D 141 -6.33 24.32 -9.01
C ARG D 141 -7.48 24.40 -8.02
N PHE D 142 -7.33 23.78 -6.86
CA PHE D 142 -8.36 23.83 -5.84
C PHE D 142 -7.86 24.35 -4.51
N THR D 143 -8.79 24.97 -3.80
CA THR D 143 -8.62 25.42 -2.43
C THR D 143 -9.83 24.98 -1.59
N THR D 144 -9.59 24.63 -0.34
CA THR D 144 -10.69 24.37 0.59
C THR D 144 -10.24 24.68 2.01
N GLU D 145 -11.19 24.78 2.93
CA GLU D 145 -10.90 25.05 4.32
C GLU D 145 -10.92 23.76 5.11
N ASN D 146 -11.42 22.71 4.50
CA ASN D 146 -11.55 21.43 5.18
C ASN D 146 -10.52 20.37 4.71
N PHE D 147 -9.79 19.78 5.67
CA PHE D 147 -8.80 18.74 5.34
C PHE D 147 -9.43 17.50 4.70
N LEU D 148 -10.55 17.03 5.24
CA LEU D 148 -11.17 15.84 4.72
C LEU D 148 -11.67 16.07 3.29
N VAL D 149 -12.24 17.23 3.03
CA VAL D 149 -12.62 17.59 1.69
C VAL D 149 -11.41 17.46 0.72
N SER D 150 -10.27 18.05 1.10
CA SER D 150 -9.13 18.04 0.20
C SER D 150 -8.62 16.60 -0.01
N ALA D 151 -8.64 15.79 1.03
CA ALA D 151 -8.23 14.41 0.91
C ALA D 151 -9.08 13.63 -0.10
N VAL D 152 -10.41 13.71 0.00
CA VAL D 152 -11.27 12.94 -0.88
C VAL D 152 -11.22 13.48 -2.30
N ILE D 153 -11.05 14.77 -2.47
CA ILE D 153 -10.79 15.30 -3.81
C ILE D 153 -9.45 14.74 -4.40
N ALA D 154 -8.41 14.61 -3.57
CA ALA D 154 -7.14 14.08 -4.06
C ALA D 154 -7.31 12.60 -4.45
N GLU D 155 -8.18 11.88 -3.75
CA GLU D 155 -8.46 10.50 -4.15
C GLU D 155 -9.12 10.38 -5.54
N GLU D 156 -9.81 11.42 -5.96
CA GLU D 156 -10.65 11.36 -7.16
C GLU D 156 -10.11 12.08 -8.39
N THR D 157 -9.04 12.84 -8.23
CA THR D 157 -8.52 13.70 -9.28
C THR D 157 -6.98 13.73 -9.19
N ASP D 158 -6.31 14.16 -10.25
CA ASP D 158 -4.84 14.19 -10.23
C ASP D 158 -4.30 15.46 -9.60
N VAL D 159 -4.50 15.61 -8.31
CA VAL D 159 -4.00 16.78 -7.61
C VAL D 159 -3.07 16.32 -6.49
N ILE D 160 -2.07 17.14 -6.18
CA ILE D 160 -1.16 16.83 -5.10
C ILE D 160 -1.58 17.58 -3.87
N LEU D 161 -1.60 16.89 -2.75
CA LEU D 161 -2.09 17.48 -1.51
C LEU D 161 -1.03 17.38 -0.42
N THR D 162 -0.85 18.45 0.34
CA THR D 162 0.17 18.51 1.37
C THR D 162 -0.45 18.65 2.76
N ILE D 163 -0.25 17.65 3.61
CA ILE D 163 -1.01 17.52 4.84
C ILE D 163 -0.24 16.85 5.96
N PRO D 164 -0.74 16.99 7.20
CA PRO D 164 -0.24 16.25 8.35
C PRO D 164 -0.22 14.74 8.08
N SER D 165 0.82 14.07 8.55
CA SER D 165 1.07 12.66 8.20
C SER D 165 0.06 11.70 8.82
N ARG D 166 -0.45 11.97 10.02
CA ARG D 166 -1.44 11.06 10.58
C ARG D 166 -2.69 11.06 9.69
N LEU D 167 -2.98 12.21 9.10
CA LEU D 167 -4.13 12.33 8.21
C LEU D 167 -3.91 11.57 6.92
N ALA D 168 -2.75 11.79 6.32
CA ALA D 168 -2.32 11.02 5.15
C ALA D 168 -2.34 9.51 5.40
N ARG D 169 -1.84 9.09 6.56
CA ARG D 169 -1.78 7.67 6.89
C ARG D 169 -3.16 7.00 7.02
N TRP D 170 -4.11 7.71 7.63
CA TRP D 170 -5.48 7.20 7.75
C TRP D 170 -6.05 6.93 6.36
N PHE D 171 -5.88 7.86 5.44
CA PHE D 171 -6.31 7.61 4.07
C PHE D 171 -5.47 6.54 3.36
N ALA D 172 -4.15 6.51 3.61
CA ALA D 172 -3.27 5.53 2.94
C ALA D 172 -3.66 4.11 3.36
N ASN D 173 -4.01 3.96 4.64
CA ASN D 173 -4.48 2.69 5.17
C ASN D 173 -5.76 2.18 4.52
N ARG D 174 -6.43 3.03 3.79
CA ARG D 174 -7.64 2.70 3.10
C ARG D 174 -7.44 2.39 1.63
N GLY D 175 -6.22 2.60 1.16
CA GLY D 175 -5.80 2.19 -0.16
C GLY D 175 -5.90 3.23 -1.24
N GLY D 176 -6.50 4.38 -0.96
CA GLY D 176 -6.77 5.34 -2.00
C GLY D 176 -5.64 6.30 -2.34
N LEU D 177 -4.82 6.63 -1.35
CA LEU D 177 -3.74 7.59 -1.53
C LEU D 177 -2.38 6.96 -1.23
N THR D 178 -1.35 7.40 -1.94
CA THR D 178 0.00 6.98 -1.58
C THR D 178 0.81 8.21 -1.08
N ILE D 179 1.66 7.94 -0.09
CA ILE D 179 2.39 8.98 0.62
C ILE D 179 3.81 9.14 0.09
N PHE D 180 4.24 10.38 -0.10
CA PHE D 180 5.64 10.67 -0.38
C PHE D 180 6.11 11.95 0.34
N PRO D 181 7.43 12.11 0.50
CA PRO D 181 8.01 13.22 1.28
C PRO D 181 7.75 14.57 0.61
N VAL D 182 7.52 15.60 1.40
CA VAL D 182 7.45 16.96 0.88
C VAL D 182 8.86 17.37 0.42
N PRO D 183 8.97 17.87 -0.83
CA PRO D 183 10.27 18.21 -1.43
C PRO D 183 10.78 19.57 -0.99
N ILE D 184 10.19 20.15 0.04
CA ILE D 184 10.80 21.29 0.70
C ILE D 184 10.63 21.08 2.17
N GLU D 185 11.35 21.85 2.98
CA GLU D 185 11.29 21.66 4.41
C GLU D 185 10.12 22.45 4.97
N LEU D 186 9.42 21.85 5.91
CA LEU D 186 8.29 22.49 6.57
C LEU D 186 8.46 22.32 8.06
N PRO D 187 7.96 23.26 8.85
CA PRO D 187 8.03 23.18 10.30
C PRO D 187 7.37 21.91 10.82
N SER D 188 7.76 21.46 12.00
CA SER D 188 7.01 20.44 12.69
C SER D 188 5.88 21.15 13.43
N ILE D 189 4.83 20.42 13.79
CA ILE D 189 3.65 21.03 14.40
C ILE D 189 3.42 20.53 15.82
N GLU D 190 3.16 21.45 16.74
CA GLU D 190 2.76 21.06 18.09
C GLU D 190 1.24 21.09 18.19
N VAL D 191 0.65 19.96 18.56
CA VAL D 191 -0.81 19.89 18.69
C VAL D 191 -1.18 19.84 20.16
N LYS D 192 -2.10 20.71 20.56
CA LYS D 192 -2.42 20.93 21.95
C LYS D 192 -3.92 20.93 22.24
N GLN D 193 -4.29 20.80 23.51
CA GLN D 193 -5.61 21.19 23.95
C GLN D 193 -5.46 22.48 24.74
N TYR D 194 -6.43 23.37 24.53
CA TYR D 194 -6.46 24.67 25.19
C TYR D 194 -7.70 24.81 26.03
N TRP D 195 -7.56 25.44 27.18
CA TRP D 195 -8.69 25.87 27.98
C TRP D 195 -8.40 27.19 28.66
N HIS D 196 -9.47 27.92 28.97
CA HIS D 196 -9.33 29.24 29.57
C HIS D 196 -9.15 29.07 31.06
N GLU D 197 -8.33 29.91 31.66
CA GLU D 197 -8.03 29.77 33.08
C GLU D 197 -9.28 29.95 33.95
N ARG D 198 -10.29 30.61 33.42
CA ARG D 198 -11.57 30.73 34.12
C ARG D 198 -12.21 29.38 34.43
N TYR D 199 -11.85 28.35 33.66
CA TYR D 199 -12.43 27.01 33.88
C TYR D 199 -11.37 25.99 34.27
N ASP D 200 -10.20 26.48 34.65
CA ASP D 200 -9.13 25.62 35.09
C ASP D 200 -9.54 24.75 36.28
N LYS D 201 -10.52 25.21 37.05
CA LYS D 201 -10.93 24.46 38.24
C LYS D 201 -12.35 23.90 38.15
N ASP D 202 -13.01 24.13 37.02
CA ASP D 202 -14.32 23.54 36.77
C ASP D 202 -14.18 22.04 36.62
N PRO D 203 -14.85 21.28 37.50
CA PRO D 203 -14.78 19.81 37.52
C PRO D 203 -15.20 19.10 36.22
N GLY D 204 -16.07 19.71 35.43
CA GLY D 204 -16.44 19.12 34.15
C GLY D 204 -15.28 19.23 33.17
N ASN D 205 -14.74 20.44 33.07
CA ASN D 205 -13.63 20.73 32.16
C ASN D 205 -12.39 19.94 32.53
N ILE D 206 -12.17 19.81 33.83
CA ILE D 206 -11.07 19.03 34.36
C ILE D 206 -11.20 17.59 33.90
N TRP D 207 -12.40 17.03 34.09
CA TRP D 207 -12.67 15.66 33.69
C TRP D 207 -12.38 15.43 32.20
N LEU D 208 -12.82 16.36 31.36
CA LEU D 208 -12.63 16.23 29.92
C LEU D 208 -11.18 16.36 29.49
N ARG D 209 -10.45 17.31 30.08
CA ARG D 209 -9.01 17.47 29.84
C ARG D 209 -8.22 16.22 30.15
N ARG D 210 -8.60 15.54 31.22
CA ARG D 210 -7.84 14.38 31.72
C ARG D 210 -8.14 13.19 30.85
N VAL D 211 -9.40 13.06 30.45
CA VAL D 211 -9.76 12.03 29.51
C VAL D 211 -8.96 12.21 28.23
N ILE D 212 -8.85 13.44 27.75
CA ILE D 212 -8.15 13.70 26.52
C ILE D 212 -6.66 13.41 26.68
N ALA D 213 -6.11 13.70 27.87
CA ALA D 213 -4.70 13.41 28.13
C ALA D 213 -4.41 11.90 28.12
N LYS D 214 -5.40 11.08 28.41
CA LYS D 214 -5.21 9.62 28.45
C LYS D 214 -5.32 8.98 27.06
N ILE D 215 -5.71 9.76 26.08
CA ILE D 215 -5.93 9.27 24.72
C ILE D 215 -4.63 8.97 23.98
N GLY D 216 -4.57 7.78 23.37
CA GLY D 216 -3.52 7.48 22.41
C GLY D 216 -3.93 7.89 21.00
N PHE D 217 -3.35 8.98 20.51
CA PHE D 217 -3.69 9.46 19.18
C PHE D 217 -2.90 8.74 18.07
N GLN D 218 -2.00 7.82 18.42
CA GLN D 218 -1.33 7.01 17.41
C GLN D 218 -2.00 5.66 17.25
N ASN D 219 -2.69 5.22 18.29
CA ASN D 219 -3.46 3.99 18.23
C ASN D 219 -4.86 4.21 17.63
N PRO D 220 -5.50 3.13 17.18
CA PRO D 220 -6.89 3.20 16.75
C PRO D 220 -7.82 3.50 17.93
N PRO D 221 -9.00 4.05 17.65
CA PRO D 221 -9.96 4.25 18.73
C PRO D 221 -10.24 2.94 19.46
N ALA D 222 -10.29 2.97 20.78
CA ALA D 222 -10.52 1.77 21.57
C ALA D 222 -11.96 1.25 21.39
N GLU D 223 -12.09 -0.08 21.32
CA GLU D 223 -13.38 -0.77 21.24
C GLU D 223 -14.08 -0.55 19.88
#